data_3EG3
# 
_entry.id   3EG3 
# 
_audit_conform.dict_name       mmcif_pdbx.dic 
_audit_conform.dict_version    5.377 
_audit_conform.dict_location   http://mmcif.pdb.org/dictionaries/ascii/mmcif_pdbx.dic 
# 
loop_
_database_2.database_id 
_database_2.database_code 
_database_2.pdbx_database_accession 
_database_2.pdbx_DOI 
PDB   3EG3         pdb_00003eg3 10.2210/pdb3eg3/pdb 
RCSB  RCSB049279   ?            ?                   
WWPDB D_1000049279 ?            ?                   
# 
loop_
_pdbx_database_related.db_name 
_pdbx_database_related.db_id 
_pdbx_database_related.details 
_pdbx_database_related.content_type 
PDB 2O88 
;Crystal structure of the N114A mutant of ABL-SH3 domain complexed with a designed high-affinity peptide ligand: implications for SH3-ligand interactions
;
unspecified 
PDB 1BBZ 
;CRYSTAL STRUCTURE OF THE ABL-SH3 DOMAIN COMPLEXED WITH A DESIGNED HIGH-AFFINITY PEPTIDE LIGAND: IMPLICATIONS FOR SH3-LIGAND INTERACTIONS
;
unspecified 
PDB 3EG0 . unspecified 
PDB 3EG1 . unspecified 
PDB 3EG2 . unspecified 
# 
_pdbx_database_status.entry_id                        3EG3 
_pdbx_database_status.deposit_site                    RCSB 
_pdbx_database_status.process_site                    RCSB 
_pdbx_database_status.recvd_initial_deposition_date   2008-09-10 
_pdbx_database_status.status_code                     REL 
_pdbx_database_status.status_code_sf                  REL 
_pdbx_database_status.status_code_mr                  ? 
_pdbx_database_status.SG_entry                        ? 
_pdbx_database_status.pdb_format_compatible           Y 
_pdbx_database_status.status_code_cs                  ? 
_pdbx_database_status.status_code_nmr_data            ? 
_pdbx_database_status.methods_development_category    ? 
# 
_audit_author.name           'Camara-Artigas, A.' 
_audit_author.pdbx_ordinal   1 
# 
loop_
_citation.id 
_citation.title 
_citation.journal_abbrev 
_citation.journal_volume 
_citation.page_first 
_citation.page_last 
_citation.year 
_citation.journal_id_ASTM 
_citation.country 
_citation.journal_id_ISSN 
_citation.journal_id_CSD 
_citation.book_publisher 
_citation.pdbx_database_id_PubMed 
_citation.pdbx_database_id_DOI 
primary 'Role of interfacial water molecules in proline-rich ligand recognition by the Src homology 3 domain of Abl.' J.Biol.Chem. 
285 2823 2833 2010 JBCHA3 US 0021-9258 0071 ? 19906645 10.1074/jbc.M109.048033 
1       
;Crystallization by capillary counter-diffusion and structure determination of the N114A mutant of the SH3 domain of Abl tyrosine kinase complexed with a high-affinity peptide ligand
;
'Acta Crystallogr.,Sect.D' 63  646  652  2007 ABCRE6 DK 0907-4449 0766 ? ?        ?                       
# 
loop_
_citation_author.citation_id 
_citation_author.name 
_citation_author.ordinal 
_citation_author.identifier_ORCID 
primary 'Palencia, A.'       1  ? 
primary 'Camara-Artigas, A.' 2  ? 
primary 'Pisabarro, M.T.'    3  ? 
primary 'Martinez, J.C.'     4  ? 
primary 'Luque, I.'          5  ? 
1       'Camara-Artigas, A.' 6  ? 
1       'Palencia, A.'       7  ? 
1       'Martinez, J.C.'     8  ? 
1       'Luque, I.'          9  ? 
1       'Gavira, J.A.'       10 ? 
1       'Garcia-Ruiz, J.M.'  11 ? 
# 
_cell.length_a           44.819 
_cell.length_b           53.096 
_cell.length_c           41.296 
_cell.angle_alpha        90.000 
_cell.angle_beta         90.000 
_cell.angle_gamma        90.000 
_cell.entry_id           3EG3 
_cell.pdbx_unique_axis   ? 
_cell.Z_PDB              8 
_cell.length_a_esd       ? 
_cell.length_b_esd       ? 
_cell.length_c_esd       ? 
_cell.angle_alpha_esd    ? 
_cell.angle_beta_esd     ? 
_cell.angle_gamma_esd    ? 
# 
_symmetry.space_group_name_H-M             'C 2 2 2' 
_symmetry.entry_id                         3EG3 
_symmetry.Int_Tables_number                21 
_symmetry.pdbx_full_space_group_name_H-M   ? 
_symmetry.cell_setting                     ? 
_symmetry.space_group_name_Hall            ? 
# 
loop_
_entity.id 
_entity.type 
_entity.src_method 
_entity.pdbx_description 
_entity.formula_weight 
_entity.pdbx_number_of_molecules 
_entity.pdbx_ec 
_entity.pdbx_mutation 
_entity.pdbx_fragment 
_entity.details 
1 polymer     man 'Proto-oncogene tyrosine-protein kinase ABL1' 6966.669 1  2.7.10.2 N114A 'SH3 DOMAIN, RESIDUES 60-121' ? 
2 non-polymer syn GLYCEROL                                      92.094   1  ?        ?     ?                             ? 
3 water       nat water                                         18.015   36 ?        ?     ?                             ? 
# 
_entity_name_com.entity_id   1 
_entity_name_com.name        'p150, c- ABL, Abelson murine leukemia viral oncogene homolog 1' 
# 
_entity_poly.entity_id                      1 
_entity_poly.type                           'polypeptide(L)' 
_entity_poly.nstd_linkage                   no 
_entity_poly.nstd_monomer                   no 
_entity_poly.pdbx_seq_one_letter_code       MENDPNLFVALYDFVASGDNTLSITKGEKLRVLGYNHNGEWCEAQTKNGQGWVPSAYITPVNS 
_entity_poly.pdbx_seq_one_letter_code_can   MENDPNLFVALYDFVASGDNTLSITKGEKLRVLGYNHNGEWCEAQTKNGQGWVPSAYITPVNS 
_entity_poly.pdbx_strand_id                 A 
_entity_poly.pdbx_target_identifier         ? 
# 
loop_
_entity_poly_seq.entity_id 
_entity_poly_seq.num 
_entity_poly_seq.mon_id 
_entity_poly_seq.hetero 
1 1  MET n 
1 2  GLU n 
1 3  ASN n 
1 4  ASP n 
1 5  PRO n 
1 6  ASN n 
1 7  LEU n 
1 8  PHE n 
1 9  VAL n 
1 10 ALA n 
1 11 LEU n 
1 12 TYR n 
1 13 ASP n 
1 14 PHE n 
1 15 VAL n 
1 16 ALA n 
1 17 SER n 
1 18 GLY n 
1 19 ASP n 
1 20 ASN n 
1 21 THR n 
1 22 LEU n 
1 23 SER n 
1 24 ILE n 
1 25 THR n 
1 26 LYS n 
1 27 GLY n 
1 28 GLU n 
1 29 LYS n 
1 30 LEU n 
1 31 ARG n 
1 32 VAL n 
1 33 LEU n 
1 34 GLY n 
1 35 TYR n 
1 36 ASN n 
1 37 HIS n 
1 38 ASN n 
1 39 GLY n 
1 40 GLU n 
1 41 TRP n 
1 42 CYS n 
1 43 GLU n 
1 44 ALA n 
1 45 GLN n 
1 46 THR n 
1 47 LYS n 
1 48 ASN n 
1 49 GLY n 
1 50 GLN n 
1 51 GLY n 
1 52 TRP n 
1 53 VAL n 
1 54 PRO n 
1 55 SER n 
1 56 ALA n 
1 57 TYR n 
1 58 ILE n 
1 59 THR n 
1 60 PRO n 
1 61 VAL n 
1 62 ASN n 
1 63 SER n 
# 
_entity_src_gen.entity_id                          1 
_entity_src_gen.pdbx_src_id                        1 
_entity_src_gen.pdbx_alt_source_flag               sample 
_entity_src_gen.pdbx_seq_type                      ? 
_entity_src_gen.pdbx_beg_seq_num                   ? 
_entity_src_gen.pdbx_end_seq_num                   ? 
_entity_src_gen.gene_src_common_name               human 
_entity_src_gen.gene_src_genus                     ? 
_entity_src_gen.pdbx_gene_src_gene                 'ABL1, ABL, JTK7' 
_entity_src_gen.gene_src_species                   ? 
_entity_src_gen.gene_src_strain                    PBAT4 
_entity_src_gen.gene_src_tissue                    ? 
_entity_src_gen.gene_src_tissue_fraction           ? 
_entity_src_gen.gene_src_details                   ? 
_entity_src_gen.pdbx_gene_src_fragment             ? 
_entity_src_gen.pdbx_gene_src_scientific_name      'Homo sapiens' 
_entity_src_gen.pdbx_gene_src_ncbi_taxonomy_id     9606 
_entity_src_gen.pdbx_gene_src_variant              ? 
_entity_src_gen.pdbx_gene_src_cell_line            ? 
_entity_src_gen.pdbx_gene_src_atcc                 ? 
_entity_src_gen.pdbx_gene_src_organ                ? 
_entity_src_gen.pdbx_gene_src_organelle            ? 
_entity_src_gen.pdbx_gene_src_cell                 ? 
_entity_src_gen.pdbx_gene_src_cellular_location    ? 
_entity_src_gen.host_org_common_name               ? 
_entity_src_gen.pdbx_host_org_scientific_name      'Escherichia coli' 
_entity_src_gen.pdbx_host_org_ncbi_taxonomy_id     562 
_entity_src_gen.host_org_genus                     ? 
_entity_src_gen.pdbx_host_org_gene                 ? 
_entity_src_gen.pdbx_host_org_organ                ? 
_entity_src_gen.host_org_species                   ? 
_entity_src_gen.pdbx_host_org_tissue               ? 
_entity_src_gen.pdbx_host_org_tissue_fraction      ? 
_entity_src_gen.pdbx_host_org_strain               'BL21(DE3)' 
_entity_src_gen.pdbx_host_org_variant              ? 
_entity_src_gen.pdbx_host_org_cell_line            ? 
_entity_src_gen.pdbx_host_org_atcc                 ? 
_entity_src_gen.pdbx_host_org_culture_collection   ? 
_entity_src_gen.pdbx_host_org_cell                 ? 
_entity_src_gen.pdbx_host_org_organelle            ? 
_entity_src_gen.pdbx_host_org_cellular_location    ? 
_entity_src_gen.pdbx_host_org_vector_type          ? 
_entity_src_gen.pdbx_host_org_vector               pBAT4 
_entity_src_gen.host_org_details                   ? 
_entity_src_gen.expression_system_id               ? 
_entity_src_gen.plasmid_name                       ? 
_entity_src_gen.plasmid_details                    ? 
_entity_src_gen.pdbx_description                   ? 
# 
_struct_ref.id                         1 
_struct_ref.db_name                    UNP 
_struct_ref.db_code                    ABL1_HUMAN 
_struct_ref.pdbx_db_accession          P00519 
_struct_ref.entity_id                  1 
_struct_ref.pdbx_seq_one_letter_code   ENDPNLFVALYDFVASGDNTLSITKGEKLRVLGYNHNGEWCEAQTKNGQGWVPSNYITPVNS 
_struct_ref.pdbx_align_begin           60 
_struct_ref.pdbx_db_isoform            ? 
# 
_struct_ref_seq.align_id                      1 
_struct_ref_seq.ref_id                        1 
_struct_ref_seq.pdbx_PDB_id_code              3EG3 
_struct_ref_seq.pdbx_strand_id                A 
_struct_ref_seq.seq_align_beg                 2 
_struct_ref_seq.pdbx_seq_align_beg_ins_code   ? 
_struct_ref_seq.seq_align_end                 63 
_struct_ref_seq.pdbx_seq_align_end_ins_code   ? 
_struct_ref_seq.pdbx_db_accession             P00519 
_struct_ref_seq.db_align_beg                  60 
_struct_ref_seq.pdbx_db_align_beg_ins_code    ? 
_struct_ref_seq.db_align_end                  121 
_struct_ref_seq.pdbx_db_align_end_ins_code    ? 
_struct_ref_seq.pdbx_auth_seq_align_beg       60 
_struct_ref_seq.pdbx_auth_seq_align_end       121 
# 
loop_
_struct_ref_seq_dif.align_id 
_struct_ref_seq_dif.pdbx_pdb_id_code 
_struct_ref_seq_dif.mon_id 
_struct_ref_seq_dif.pdbx_pdb_strand_id 
_struct_ref_seq_dif.seq_num 
_struct_ref_seq_dif.pdbx_pdb_ins_code 
_struct_ref_seq_dif.pdbx_seq_db_name 
_struct_ref_seq_dif.pdbx_seq_db_accession_code 
_struct_ref_seq_dif.db_mon_id 
_struct_ref_seq_dif.pdbx_seq_db_seq_num 
_struct_ref_seq_dif.details 
_struct_ref_seq_dif.pdbx_auth_seq_num 
_struct_ref_seq_dif.pdbx_ordinal 
1 3EG3 MET A 1  ? UNP P00519 ?   ?   'initiating methionine' 59  1 
1 3EG3 ALA A 56 ? UNP P00519 ASN 114 'engineered mutation'   114 2 
# 
loop_
_chem_comp.id 
_chem_comp.type 
_chem_comp.mon_nstd_flag 
_chem_comp.name 
_chem_comp.pdbx_synonyms 
_chem_comp.formula 
_chem_comp.formula_weight 
ALA 'L-peptide linking' y ALANINE         ?                               'C3 H7 N O2'     89.093  
ARG 'L-peptide linking' y ARGININE        ?                               'C6 H15 N4 O2 1' 175.209 
ASN 'L-peptide linking' y ASPARAGINE      ?                               'C4 H8 N2 O3'    132.118 
ASP 'L-peptide linking' y 'ASPARTIC ACID' ?                               'C4 H7 N O4'     133.103 
CYS 'L-peptide linking' y CYSTEINE        ?                               'C3 H7 N O2 S'   121.158 
GLN 'L-peptide linking' y GLUTAMINE       ?                               'C5 H10 N2 O3'   146.144 
GLU 'L-peptide linking' y 'GLUTAMIC ACID' ?                               'C5 H9 N O4'     147.129 
GLY 'peptide linking'   y GLYCINE         ?                               'C2 H5 N O2'     75.067  
GOL non-polymer         . GLYCEROL        'GLYCERIN; PROPANE-1,2,3-TRIOL' 'C3 H8 O3'       92.094  
HIS 'L-peptide linking' y HISTIDINE       ?                               'C6 H10 N3 O2 1' 156.162 
HOH non-polymer         . WATER           ?                               'H2 O'           18.015  
ILE 'L-peptide linking' y ISOLEUCINE      ?                               'C6 H13 N O2'    131.173 
LEU 'L-peptide linking' y LEUCINE         ?                               'C6 H13 N O2'    131.173 
LYS 'L-peptide linking' y LYSINE          ?                               'C6 H15 N2 O2 1' 147.195 
MET 'L-peptide linking' y METHIONINE      ?                               'C5 H11 N O2 S'  149.211 
PHE 'L-peptide linking' y PHENYLALANINE   ?                               'C9 H11 N O2'    165.189 
PRO 'L-peptide linking' y PROLINE         ?                               'C5 H9 N O2'     115.130 
SER 'L-peptide linking' y SERINE          ?                               'C3 H7 N O3'     105.093 
THR 'L-peptide linking' y THREONINE       ?                               'C4 H9 N O3'     119.119 
TRP 'L-peptide linking' y TRYPTOPHAN      ?                               'C11 H12 N2 O2'  204.225 
TYR 'L-peptide linking' y TYROSINE        ?                               'C9 H11 N O3'    181.189 
VAL 'L-peptide linking' y VALINE          ?                               'C5 H11 N O2'    117.146 
# 
_exptl.crystals_number   1 
_exptl.entry_id          3EG3 
_exptl.method            'X-RAY DIFFRACTION' 
# 
_exptl_crystal.id                    1 
_exptl_crystal.density_Matthews      1.76 
_exptl_crystal.density_meas          ? 
_exptl_crystal.density_percent_sol   30.24 
_exptl_crystal.description           ? 
_exptl_crystal.F_000                 ? 
_exptl_crystal.preparation           ? 
# 
_exptl_crystal_grow.crystal_id      1 
_exptl_crystal_grow.method          'VAPOR DIFFUSION, HANGING DROP' 
_exptl_crystal_grow.pH              3 
_exptl_crystal_grow.temp            288 
_exptl_crystal_grow.pdbx_details    
'2M ammonium sulphate, 5% PEG300, 10% glycerol, and 0.1 M of buffer solution, vapor diffusion, hanging drop, temperature 288K' 
_exptl_crystal_grow.temp_details    ? 
_exptl_crystal_grow.pdbx_pH_range   . 
# 
_diffrn.id                     1 
_diffrn.ambient_temp           100 
_diffrn.ambient_temp_details   ? 
_diffrn.crystal_id             1 
# 
_diffrn_detector.diffrn_id              1 
_diffrn_detector.detector               CCD 
_diffrn_detector.type                   'BRUKER SMART 6000' 
_diffrn_detector.pdbx_collection_date   2006-01-19 
_diffrn_detector.details                'Montel Optics' 
# 
_diffrn_radiation.diffrn_id                        1 
_diffrn_radiation.pdbx_diffrn_protocol             'SINGLE WAVELENGTH' 
_diffrn_radiation.monochromator                    'BRUKER MICROSTAR MICRO-FOCUS' 
_diffrn_radiation.wavelength_id                    1 
_diffrn_radiation.pdbx_monochromatic_or_laue_m_l   M 
_diffrn_radiation.pdbx_scattering_type             x-ray 
# 
_diffrn_radiation_wavelength.id           1 
_diffrn_radiation_wavelength.wavelength   1.54 
_diffrn_radiation_wavelength.wt           1.0 
# 
_diffrn_source.diffrn_id                   1 
_diffrn_source.source                      'ROTATING ANODE' 
_diffrn_source.type                        'BRUKER AXS MICROSTAR' 
_diffrn_source.pdbx_wavelength_list        1.54 
_diffrn_source.pdbx_wavelength             ? 
_diffrn_source.pdbx_synchrotron_site       ? 
_diffrn_source.pdbx_synchrotron_beamline   ? 
# 
_reflns.entry_id                     3EG3 
_reflns.d_resolution_high            1.350 
_reflns.d_resolution_low             41.310 
_reflns.observed_criterion_sigma_F   0 
_reflns.observed_criterion_sigma_I   0 
_reflns.number_all                   11162 
_reflns.number_obs                   10303 
_reflns.percent_possible_obs         92.3 
_reflns.pdbx_Rmerge_I_obs            0.0328 
_reflns.pdbx_Rsym_value              0.0328 
_reflns.B_iso_Wilson_estimate        12.829 
_reflns.pdbx_redundancy              6.79 
_reflns.R_free_details               ? 
_reflns.limit_h_max                  ? 
_reflns.limit_h_min                  ? 
_reflns.limit_k_max                  ? 
_reflns.limit_k_min                  ? 
_reflns.limit_l_max                  ? 
_reflns.limit_l_min                  ? 
_reflns.observed_criterion_F_max     ? 
_reflns.observed_criterion_F_min     ? 
_reflns.pdbx_chi_squared             ? 
_reflns.pdbx_scaling_rejects         ? 
_reflns.pdbx_netI_over_sigmaI        ? 
_reflns.pdbx_ordinal                 1 
_reflns.pdbx_diffrn_id               1 
# 
_reflns_shell.d_res_high             1.35 
_reflns_shell.d_res_low              1.45 
_reflns_shell.percent_possible_obs   ? 
_reflns_shell.percent_possible_all   82.2 
_reflns_shell.Rmerge_I_obs           0.1326 
_reflns_shell.meanI_over_sigI_obs    7.30 
_reflns_shell.pdbx_Rsym_value        0.1326 
_reflns_shell.pdbx_redundancy        3.00 
_reflns_shell.number_unique_all      1734 
_reflns_shell.number_measured_all    ? 
_reflns_shell.number_measured_obs    ? 
_reflns_shell.number_unique_obs      ? 
_reflns_shell.pdbx_chi_squared       ? 
_reflns_shell.pdbx_ordinal           1 
_reflns_shell.pdbx_diffrn_id         1 
# 
_refine.entry_id                                 3EG3 
_refine.ls_d_res_high                            1.400 
_refine.ls_d_res_low                             13.770 
_refine.pdbx_ls_sigma_F                          0.00 
_refine.ls_percent_reflns_obs                    93.680 
_refine.ls_number_reflns_obs                     9380 
_refine.pdbx_ls_cross_valid_method               THROUGHOUT 
_refine.pdbx_R_Free_selection_details            RANDOM 
_refine.details                                  'HYDROGENS HAVE BEEN ADDED IN THE RIDING POSITIONS' 
_refine.ls_R_factor_obs                          0.210 
_refine.ls_R_factor_R_work                       0.208 
_refine.ls_R_factor_R_free                       0.240 
_refine.ls_percent_reflns_R_free                 4.700 
_refine.ls_number_reflns_R_free                  442 
_refine.B_iso_mean                               15.844 
_refine.aniso_B[1][1]                            -0.020 
_refine.aniso_B[2][2]                            0.070 
_refine.aniso_B[3][3]                            -0.050 
_refine.aniso_B[1][2]                            0.000 
_refine.aniso_B[1][3]                            0.000 
_refine.aniso_B[2][3]                            0.000 
_refine.correlation_coeff_Fo_to_Fc               0.948 
_refine.correlation_coeff_Fo_to_Fc_free          0.937 
_refine.pdbx_overall_ESU_R                       0.087 
_refine.pdbx_overall_ESU_R_Free                  0.087 
_refine.overall_SU_ML                            0.051 
_refine.overall_SU_B                             1.220 
_refine.solvent_model_details                    MASK 
_refine.pdbx_solvent_vdw_probe_radii             1.400 
_refine.pdbx_solvent_ion_probe_radii             0.800 
_refine.pdbx_solvent_shrinkage_radii             0.800 
_refine.pdbx_method_to_determine_struct          'MOLECULAR REPLACEMENT' 
_refine.pdbx_stereochemistry_target_values       'MAXIMUM LIKELIHOOD' 
_refine.B_iso_max                                40.23 
_refine.B_iso_min                                2.77 
_refine.occupancy_max                            1.00 
_refine.occupancy_min                            0.20 
_refine.pdbx_ls_sigma_I                          0.00 
_refine.ls_number_reflns_all                     ? 
_refine.ls_R_factor_all                          ? 
_refine.ls_redundancy_reflns_obs                 ? 
_refine.pdbx_data_cutoff_high_absF               ? 
_refine.pdbx_data_cutoff_low_absF                ? 
_refine.ls_number_parameters                     ? 
_refine.ls_number_restraints                     ? 
_refine.ls_R_factor_R_free_error                 ? 
_refine.ls_R_factor_R_free_error_details         ? 
_refine.pdbx_starting_model                      'PDB entry 1ABQ' 
_refine.pdbx_stereochem_target_val_spec_case     ? 
_refine.solvent_model_param_bsol                 ? 
_refine.solvent_model_param_ksol                 ? 
_refine.pdbx_isotropic_thermal_model             ? 
_refine.overall_SU_R_Cruickshank_DPI             ? 
_refine.overall_SU_R_free                        ? 
_refine.pdbx_data_cutoff_high_rms_absF           ? 
_refine.ls_wR_factor_R_free                      ? 
_refine.ls_wR_factor_R_work                      ? 
_refine.overall_FOM_free_R_set                   ? 
_refine.overall_FOM_work_R_set                   ? 
_refine.pdbx_overall_phase_error                 ? 
_refine.pdbx_refine_id                           'X-RAY DIFFRACTION' 
_refine.pdbx_diffrn_id                           1 
_refine.pdbx_TLS_residual_ADP_flag               ? 
_refine.pdbx_overall_SU_R_free_Cruickshank_DPI   ? 
_refine.pdbx_overall_SU_R_Blow_DPI               ? 
_refine.pdbx_overall_SU_R_free_Blow_DPI          ? 
# 
_refine_hist.pdbx_refine_id                   'X-RAY DIFFRACTION' 
_refine_hist.cycle_id                         LAST 
_refine_hist.pdbx_number_atoms_protein        491 
_refine_hist.pdbx_number_atoms_nucleic_acid   0 
_refine_hist.pdbx_number_atoms_ligand         6 
_refine_hist.number_atoms_solvent             36 
_refine_hist.number_atoms_total               533 
_refine_hist.d_res_high                       1.400 
_refine_hist.d_res_low                        13.770 
# 
loop_
_refine_ls_restr.type 
_refine_ls_restr.number 
_refine_ls_restr.dev_ideal 
_refine_ls_restr.dev_ideal_target 
_refine_ls_restr.weight 
_refine_ls_restr.pdbx_refine_id 
_refine_ls_restr.pdbx_restraint_function 
r_bond_refined_d         524 0.014  0.021  ? 'X-RAY DIFFRACTION' ? 
r_angle_refined_deg      716 2.097  1.931  ? 'X-RAY DIFFRACTION' ? 
r_dihedral_angle_1_deg   66  7.659  5.000  ? 'X-RAY DIFFRACTION' ? 
r_dihedral_angle_2_deg   26  33.061 25.769 ? 'X-RAY DIFFRACTION' ? 
r_dihedral_angle_3_deg   78  11.185 15.000 ? 'X-RAY DIFFRACTION' ? 
r_dihedral_angle_4_deg   1   11.097 15.000 ? 'X-RAY DIFFRACTION' ? 
r_chiral_restr           76  0.120  0.200  ? 'X-RAY DIFFRACTION' ? 
r_gen_planes_refined     415 0.012  0.020  ? 'X-RAY DIFFRACTION' ? 
r_nbd_refined            184 0.236  0.200  ? 'X-RAY DIFFRACTION' ? 
r_nbtor_refined          341 0.317  0.200  ? 'X-RAY DIFFRACTION' ? 
r_xyhbond_nbd_refined    35  0.241  0.200  ? 'X-RAY DIFFRACTION' ? 
r_symmetry_vdw_refined   75  0.273  0.200  ? 'X-RAY DIFFRACTION' ? 
r_symmetry_hbond_refined 23  0.228  0.200  ? 'X-RAY DIFFRACTION' ? 
r_mcbond_it              332 1.432  1.500  ? 'X-RAY DIFFRACTION' ? 
r_mcangle_it             518 2.174  2.000  ? 'X-RAY DIFFRACTION' ? 
r_scbond_it              228 3.335  3.000  ? 'X-RAY DIFFRACTION' ? 
r_scangle_it             197 3.780  4.500  ? 'X-RAY DIFFRACTION' ? 
# 
_refine_ls_shell.d_res_high                       1.400 
_refine_ls_shell.d_res_low                        1.436 
_refine_ls_shell.pdbx_total_number_of_bins_used   20 
_refine_ls_shell.percent_reflns_obs               85.880 
_refine_ls_shell.number_reflns_R_work             578 
_refine_ls_shell.R_factor_all                     ? 
_refine_ls_shell.R_factor_R_work                  0.235 
_refine_ls_shell.R_factor_R_free                  0.342 
_refine_ls_shell.percent_reflns_R_free            ? 
_refine_ls_shell.number_reflns_R_free             30 
_refine_ls_shell.R_factor_R_free_error            ? 
_refine_ls_shell.number_reflns_all                608 
_refine_ls_shell.number_reflns_obs                ? 
_refine_ls_shell.redundancy_reflns_obs            ? 
_refine_ls_shell.pdbx_refine_id                   'X-RAY DIFFRACTION' 
# 
_struct.entry_id                  3EG3 
_struct.title                     'Crystal structure of the N114A mutant of ABL-SH3 domain' 
_struct.pdbx_model_details        ? 
_struct.pdbx_CASP_flag            ? 
_struct.pdbx_model_type_details   ? 
# 
_struct_keywords.entry_id        3EG3 
_struct_keywords.text            
;beta, ATP-binding, Cell adhesion, Cytoskeleton, Kinase, Lipoprotein, Magnesium, Manganese, Metal-binding, Myristate, Nucleotide-binding, Nucleus, Phosphoprotein, Proto-oncogene, SH2 domain, SH3 domain, Transferase, Tyrosine-protein kinase
;
_struct_keywords.pdbx_keywords   TRANSFERASE 
# 
loop_
_struct_asym.id 
_struct_asym.pdbx_blank_PDB_chainid_flag 
_struct_asym.pdbx_modified 
_struct_asym.entity_id 
_struct_asym.details 
A N N 1 ? 
B N N 2 ? 
C N N 3 ? 
# 
_struct_biol.id        1 
_struct_biol.details   ? 
# 
_struct_mon_prot_cis.pdbx_id                1 
_struct_mon_prot_cis.label_comp_id          SER 
_struct_mon_prot_cis.label_seq_id           17 
_struct_mon_prot_cis.label_asym_id          A 
_struct_mon_prot_cis.label_alt_id           . 
_struct_mon_prot_cis.pdbx_PDB_ins_code      ? 
_struct_mon_prot_cis.auth_comp_id           SER 
_struct_mon_prot_cis.auth_seq_id            75 
_struct_mon_prot_cis.auth_asym_id           A 
_struct_mon_prot_cis.pdbx_label_comp_id_2   GLY 
_struct_mon_prot_cis.pdbx_label_seq_id_2    18 
_struct_mon_prot_cis.pdbx_label_asym_id_2   A 
_struct_mon_prot_cis.pdbx_PDB_ins_code_2    ? 
_struct_mon_prot_cis.pdbx_auth_comp_id_2    GLY 
_struct_mon_prot_cis.pdbx_auth_seq_id_2     76 
_struct_mon_prot_cis.pdbx_auth_asym_id_2    A 
_struct_mon_prot_cis.pdbx_PDB_model_num     1 
_struct_mon_prot_cis.pdbx_omega_angle       -12.45 
# 
_struct_sheet.id               A 
_struct_sheet.type             ? 
_struct_sheet.number_strands   5 
_struct_sheet.details          ? 
# 
loop_
_struct_sheet_order.sheet_id 
_struct_sheet_order.range_id_1 
_struct_sheet_order.range_id_2 
_struct_sheet_order.offset 
_struct_sheet_order.sense 
A 1 2 ? anti-parallel 
A 2 3 ? anti-parallel 
A 3 4 ? anti-parallel 
A 4 5 ? anti-parallel 
# 
loop_
_struct_sheet_range.sheet_id 
_struct_sheet_range.id 
_struct_sheet_range.beg_label_comp_id 
_struct_sheet_range.beg_label_asym_id 
_struct_sheet_range.beg_label_seq_id 
_struct_sheet_range.pdbx_beg_PDB_ins_code 
_struct_sheet_range.end_label_comp_id 
_struct_sheet_range.end_label_asym_id 
_struct_sheet_range.end_label_seq_id 
_struct_sheet_range.pdbx_end_PDB_ins_code 
_struct_sheet_range.beg_auth_comp_id 
_struct_sheet_range.beg_auth_asym_id 
_struct_sheet_range.beg_auth_seq_id 
_struct_sheet_range.end_auth_comp_id 
_struct_sheet_range.end_auth_asym_id 
_struct_sheet_range.end_auth_seq_id 
A 1 GLY A 49 ? PRO A 54 ? GLY A 107 PRO A 112 
A 2 TRP A 41 ? THR A 46 ? TRP A 99  THR A 104 
A 3 LYS A 29 ? TYR A 35 ? LYS A 87  TYR A 93  
A 4 LEU A 7  ? ALA A 10 ? LEU A 65  ALA A 68  
A 5 ILE A 58 ? PRO A 60 ? ILE A 116 PRO A 118 
# 
loop_
_pdbx_struct_sheet_hbond.sheet_id 
_pdbx_struct_sheet_hbond.range_id_1 
_pdbx_struct_sheet_hbond.range_id_2 
_pdbx_struct_sheet_hbond.range_1_label_atom_id 
_pdbx_struct_sheet_hbond.range_1_label_comp_id 
_pdbx_struct_sheet_hbond.range_1_label_asym_id 
_pdbx_struct_sheet_hbond.range_1_label_seq_id 
_pdbx_struct_sheet_hbond.range_1_PDB_ins_code 
_pdbx_struct_sheet_hbond.range_1_auth_atom_id 
_pdbx_struct_sheet_hbond.range_1_auth_comp_id 
_pdbx_struct_sheet_hbond.range_1_auth_asym_id 
_pdbx_struct_sheet_hbond.range_1_auth_seq_id 
_pdbx_struct_sheet_hbond.range_2_label_atom_id 
_pdbx_struct_sheet_hbond.range_2_label_comp_id 
_pdbx_struct_sheet_hbond.range_2_label_asym_id 
_pdbx_struct_sheet_hbond.range_2_label_seq_id 
_pdbx_struct_sheet_hbond.range_2_PDB_ins_code 
_pdbx_struct_sheet_hbond.range_2_auth_atom_id 
_pdbx_struct_sheet_hbond.range_2_auth_comp_id 
_pdbx_struct_sheet_hbond.range_2_auth_asym_id 
_pdbx_struct_sheet_hbond.range_2_auth_seq_id 
A 1 2 O GLY A 51 ? O GLY A 109 N ALA A 44 ? N ALA A 102 
A 2 3 O GLU A 43 ? O GLU A 101 N LEU A 33 ? N LEU A 91  
A 3 4 O LEU A 30 ? O LEU A 88  N PHE A 8  ? N PHE A 66  
A 4 5 N VAL A 9  ? N VAL A 67  O THR A 59 ? O THR A 117 
# 
_struct_site.id                   AC1 
_struct_site.pdbx_evidence_code   Software 
_struct_site.pdbx_auth_asym_id    A 
_struct_site.pdbx_auth_comp_id    GOL 
_struct_site.pdbx_auth_seq_id     500 
_struct_site.pdbx_auth_ins_code   ? 
_struct_site.pdbx_num_residues    4 
_struct_site.details              'BINDING SITE FOR RESIDUE GOL A 500' 
# 
loop_
_struct_site_gen.id 
_struct_site_gen.site_id 
_struct_site_gen.pdbx_num_res 
_struct_site_gen.label_comp_id 
_struct_site_gen.label_asym_id 
_struct_site_gen.label_seq_id 
_struct_site_gen.pdbx_auth_ins_code 
_struct_site_gen.auth_comp_id 
_struct_site_gen.auth_asym_id 
_struct_site_gen.auth_seq_id 
_struct_site_gen.label_atom_id 
_struct_site_gen.label_alt_id 
_struct_site_gen.symmetry 
_struct_site_gen.details 
1 AC1 4 MET A 1  ? MET A 59  . ? 5_555 ? 
2 AC1 4 THR A 21 ? THR A 79  . ? 1_555 ? 
3 AC1 4 TRP A 41 ? TRP A 99  . ? 1_555 ? 
4 AC1 4 TRP A 52 ? TRP A 110 . ? 1_555 ? 
# 
_atom_sites.entry_id                    3EG3 
_atom_sites.fract_transf_matrix[1][1]   0.00342325 
_atom_sites.fract_transf_matrix[1][2]   -0.00544932 
_atom_sites.fract_transf_matrix[1][3]   -0.02136379 
_atom_sites.fract_transf_matrix[2][1]   0.00475958 
_atom_sites.fract_transf_matrix[2][2]   0.01782544 
_atom_sites.fract_transf_matrix[2][3]   -0.00378413 
_atom_sites.fract_transf_matrix[3][1]   0.02313257 
_atom_sites.fract_transf_matrix[3][2]   -0.00511290 
_atom_sites.fract_transf_matrix[3][3]   0.00501084 
_atom_sites.fract_transf_vector[1]      0.247451 
_atom_sites.fract_transf_vector[2]      0.039475 
_atom_sites.fract_transf_vector[3]      0.269424 
# 
loop_
_atom_type.symbol 
C 
N 
O 
S 
# 
loop_
_atom_site.group_PDB 
_atom_site.id 
_atom_site.type_symbol 
_atom_site.label_atom_id 
_atom_site.label_alt_id 
_atom_site.label_comp_id 
_atom_site.label_asym_id 
_atom_site.label_entity_id 
_atom_site.label_seq_id 
_atom_site.pdbx_PDB_ins_code 
_atom_site.Cartn_x 
_atom_site.Cartn_y 
_atom_site.Cartn_z 
_atom_site.occupancy 
_atom_site.B_iso_or_equiv 
_atom_site.pdbx_formal_charge 
_atom_site.auth_seq_id 
_atom_site.auth_comp_id 
_atom_site.auth_asym_id 
_atom_site.auth_atom_id 
_atom_site.pdbx_PDB_model_num 
ATOM   1   N N   . MET A 1 1  ? -3.164  -11.282 16.383  1.00 20.59 ? 59  MET A N   1 
ATOM   2   C CA  . MET A 1 1  ? -2.835  -12.413 15.466  1.00 23.59 ? 59  MET A CA  1 
ATOM   3   C C   . MET A 1 1  ? -1.539  -12.134 14.699  1.00 21.92 ? 59  MET A C   1 
ATOM   4   O O   . MET A 1 1  ? -1.220  -10.971 14.445  1.00 21.73 ? 59  MET A O   1 
ATOM   5   C CB  . MET A 1 1  ? -3.985  -12.624 14.480  1.00 23.81 ? 59  MET A CB  1 
ATOM   6   C CG  . MET A 1 1  ? -3.791  -13.928 13.661  1.00 28.20 ? 59  MET A CG  1 
ATOM   7   S SD  . MET A 1 1  ? -5.228  -14.574 12.792  0.50 29.10 ? 59  MET A SD  1 
ATOM   8   C CE  . MET A 1 1  ? -6.448  -14.627 14.112  1.00 29.76 ? 59  MET A CE  1 
ATOM   9   N N   . GLU A 1 2  ? -0.809  -13.183 14.335  1.00 19.78 ? 60  GLU A N   1 
ATOM   10  C CA  . GLU A 1 2  ? 0.414   -13.027 13.557  1.00 20.80 ? 60  GLU A CA  1 
ATOM   11  C C   . GLU A 1 2  ? 0.113   -12.947 12.064  1.00 16.69 ? 60  GLU A C   1 
ATOM   12  O O   . GLU A 1 2  ? -0.302  -13.931 11.453  1.00 18.52 ? 60  GLU A O   1 
ATOM   13  C CB  . GLU A 1 2  ? 1.379   -14.181 13.837  1.00 21.49 ? 60  GLU A CB  1 
ATOM   14  C CG  . GLU A 1 2  ? 0.766   -15.560 13.659  1.00 26.26 ? 60  GLU A CG  1 
ATOM   15  C CD  . GLU A 1 2  ? 1.796   -16.614 13.303  1.00 25.48 ? 60  GLU A CD  1 
ATOM   16  O OE1 . GLU A 1 2  ? 2.730   -16.300 12.536  1.00 30.44 ? 60  GLU A OE1 1 
ATOM   17  O OE2 . GLU A 1 2  ? 1.671   -17.757 13.791  1.00 28.45 ? 60  GLU A OE2 1 
ATOM   18  N N   . ASN A 1 3  ? 0.324   -11.771 11.480  1.00 15.00 ? 61  ASN A N   1 
ATOM   19  C CA  . ASN A 1 3  ? 0.004   -11.554 10.078  1.00 14.34 ? 61  ASN A CA  1 
ATOM   20  C C   . ASN A 1 3  ? 1.273   -11.568 9.239   1.00 11.25 ? 61  ASN A C   1 
ATOM   21  O O   . ASN A 1 3  ? 2.395   -11.583 9.729   1.00 10.81 ? 61  ASN A O   1 
ATOM   22  C CB  . ASN A 1 3  ? -0.773  -10.251 9.885   1.00 16.07 ? 61  ASN A CB  1 
ATOM   23  C CG  . ASN A 1 3  ? -2.185  -10.300 10.454  1.00 21.92 ? 61  ASN A CG  1 
ATOM   24  O OD1 . ASN A 1 3  ? -3.090  -10.923 9.877   1.00 25.38 ? 61  ASN A OD1 1 
ATOM   25  N ND2 . ASN A 1 3  ? -2.379  -9.641  11.575  1.00 24.77 ? 61  ASN A ND2 1 
ATOM   26  N N   . ASP A 1 4  ? 1.048   -11.655 7.935   1.00 10.79 ? 62  ASP A N   1 
ATOM   27  C CA  . ASP A 1 4  ? 2.158   -11.609 6.993   1.00 9.56  ? 62  ASP A CA  1 
ATOM   28  C C   . ASP A 1 4  ? 2.949   -10.301 7.200   1.00 8.11  ? 62  ASP A C   1 
ATOM   29  O O   . ASP A 1 4  ? 2.363   -9.237  7.330   1.00 8.96  ? 62  ASP A O   1 
ATOM   30  C CB  . ASP A 1 4  ? 1.627   -11.628 5.555   1.00 9.82  ? 62  ASP A CB  1 
ATOM   31  C CG  . ASP A 1 4  ? 1.009   -12.939 5.170   1.00 10.60 ? 62  ASP A CG  1 
ATOM   32  O OD1 . ASP A 1 4  ? 1.109   -13.915 5.942   1.00 11.29 ? 62  ASP A OD1 1 
ATOM   33  O OD2 . ASP A 1 4  ? 0.476   -12.991 4.037   1.00 10.37 ? 62  ASP A OD2 1 
ATOM   34  N N   . PRO A 1 5  ? 4.289   -10.328 7.199   1.00 8.35  ? 63  PRO A N   1 
ATOM   35  C CA  . PRO A 1 5  ? 5.046   -9.104  7.424   1.00 8.65  ? 63  PRO A CA  1 
ATOM   36  C C   . PRO A 1 5  ? 4.816   -8.028  6.361   1.00 8.29  ? 63  PRO A C   1 
ATOM   37  O O   . PRO A 1 5  ? 5.206   -6.875  6.558   1.00 9.84  ? 63  PRO A O   1 
ATOM   38  C CB  . PRO A 1 5  ? 6.511   -9.580  7.471   1.00 6.60  ? 63  PRO A CB  1 
ATOM   39  C CG  . PRO A 1 5  ? 6.389   -10.996 7.993   1.00 8.64  ? 63  PRO A CG  1 
ATOM   40  C CD  . PRO A 1 5  ? 5.133   -11.532 7.308   1.00 7.92  ? 63  PRO A CD  1 
ATOM   41  N N   . ASN A 1 6  ? 4.277   -8.412  5.198   1.00 6.98  ? 64  ASN A N   1 
ATOM   42  C CA  . ASN A 1 6  ? 4.010   -7.440  4.133   1.00 7.09  ? 64  ASN A CA  1 
ATOM   43  C C   . ASN A 1 6  ? 2.550   -7.071  4.050   1.00 7.36  ? 64  ASN A C   1 
ATOM   44  O O   . ASN A 1 6  ? 2.121   -6.453  3.068   1.00 8.30  ? 64  ASN A O   1 
ATOM   45  C CB  . ASN A 1 6  ? 4.530   -7.902  2.776   1.00 6.98  ? 64  ASN A CB  1 
ATOM   46  C CG  . ASN A 1 6  ? 3.773   -9.115  2.275   1.00 9.22  ? 64  ASN A CG  1 
ATOM   47  O OD1 . ASN A 1 6  ? 3.150   -9.862  3.047   1.00 8.35  ? 64  ASN A OD1 1 
ATOM   48  N ND2 . ASN A 1 6  ? 3.874   -9.349  0.959   1.00 9.67  ? 64  ASN A ND2 1 
ATOM   49  N N   . LEU A 1 7  ? 1.767   -7.384  5.090   1.00 7.87  ? 65  LEU A N   1 
ATOM   50  C CA  . LEU A 1 7  ? 0.378   -6.899  5.188   1.00 8.44  ? 65  LEU A CA  1 
ATOM   51  C C   . LEU A 1 7  ? 0.346   -5.507  5.807   1.00 7.82  ? 65  LEU A C   1 
ATOM   52  O O   . LEU A 1 7  ? 0.891   -5.325  6.909   1.00 7.44  ? 65  LEU A O   1 
ATOM   53  C CB  . LEU A 1 7  ? -0.478  -7.818  6.049   1.00 9.48  ? 65  LEU A CB  1 
ATOM   54  C CG  . LEU A 1 7  ? -1.973  -7.517  6.096   1.00 11.14 ? 65  LEU A CG  1 
ATOM   55  C CD1 . LEU A 1 7  ? -2.627  -7.723  4.729   1.00 14.72 ? 65  LEU A CD1 1 
ATOM   56  C CD2 . LEU A 1 7  ? -2.751  -8.344  7.139   1.00 12.42 ? 65  LEU A CD2 1 
ATOM   57  N N   . PHE A 1 8  ? -0.249  -4.547  5.126   1.00 7.87  ? 66  PHE A N   1 
ATOM   58  C CA  . PHE A 1 8  ? -0.287  -3.142  5.541   1.00 5.74  ? 66  PHE A CA  1 
ATOM   59  C C   . PHE A 1 8  ? -1.767  -2.745  5.587   1.00 6.81  ? 66  PHE A C   1 
ATOM   60  O O   . PHE A 1 8  ? -2.636  -3.390  4.984   1.00 8.19  ? 66  PHE A O   1 
ATOM   61  C CB  . PHE A 1 8  ? 0.455   -2.217  4.537   1.00 6.38  ? 66  PHE A CB  1 
ATOM   62  C CG  . PHE A 1 8  ? 1.961   -2.229  4.639   1.00 5.93  ? 66  PHE A CG  1 
ATOM   63  C CD1 . PHE A 1 8  ? 2.666   -3.403  4.383   1.00 8.95  ? 66  PHE A CD1 1 
ATOM   64  C CD2 . PHE A 1 8  ? 2.651   -1.051  4.922   1.00 7.16  ? 66  PHE A CD2 1 
ATOM   65  C CE1 . PHE A 1 8  ? 4.055   -3.413  4.426   1.00 10.43 ? 66  PHE A CE1 1 
ATOM   66  C CE2 . PHE A 1 8  ? 4.020   -1.049  4.922   1.00 7.55  ? 66  PHE A CE2 1 
ATOM   67  C CZ  . PHE A 1 8  ? 4.741   -2.237  4.742   1.00 9.03  ? 66  PHE A CZ  1 
ATOM   68  N N   . VAL A 1 9  ? -2.064  -1.633  6.242   1.00 7.18  ? 67  VAL A N   1 
ATOM   69  C CA  . VAL A 1 9  ? -3.378  -1.034  6.231   1.00 8.28  ? 67  VAL A CA  1 
ATOM   70  C C   . VAL A 1 9  ? -3.208  0.426   5.817   1.00 7.47  ? 67  VAL A C   1 
ATOM   71  O O   . VAL A 1 9  ? -2.243  1.126   6.175   1.00 7.15  ? 67  VAL A O   1 
ATOM   72  C CB  . VAL A 1 9  ? -3.997  -1.197  7.660   1.00 8.83  ? 67  VAL A CB  1 
ATOM   73  C CG1 . VAL A 1 9  ? -3.233  -0.495  8.765   1.00 11.10 ? 67  VAL A CG1 1 
ATOM   74  C CG2 . VAL A 1 9  ? -5.465  -0.773  7.650   1.00 10.61 ? 67  VAL A CG2 1 
ATOM   75  N N   . ALA A 1 10 ? -4.214  0.951   5.100   1.00 7.85  ? 68  ALA A N   1 
ATOM   76  C CA  . ALA A 1 10 ? -4.208  2.327   4.710   1.00 8.18  ? 68  ALA A CA  1 
ATOM   77  C C   . ALA A 1 10 ? -4.590  3.230   5.847   1.00 8.98  ? 68  ALA A C   1 
ATOM   78  O O   . ALA A 1 10 ? -5.589  2.984   6.544   1.00 9.88  ? 68  ALA A O   1 
ATOM   79  C CB  . ALA A 1 10 ? -5.189  2.543   3.553   1.00 9.73  ? 68  ALA A CB  1 
ATOM   80  N N   . LEU A 1 11 ? -3.838  4.293   6.068   1.00 10.34 ? 69  LEU A N   1 
ATOM   81  C CA  . LEU A 1 11 ? -4.116  5.317   7.066   1.00 11.35 ? 69  LEU A CA  1 
ATOM   82  C C   . LEU A 1 11 ? -5.049  6.420   6.536   1.00 12.71 ? 69  LEU A C   1 
ATOM   83  O O   . LEU A 1 11 ? -5.665  7.110   7.347   1.00 14.97 ? 69  LEU A O   1 
ATOM   84  C CB  . LEU A 1 11 ? -2.780  5.958   7.484   1.00 9.81  ? 69  LEU A CB  1 
ATOM   85  C CG  . LEU A 1 11 ? -1.782  5.023   8.180   1.00 10.23 ? 69  LEU A CG  1 
ATOM   86  C CD1 . LEU A 1 11 ? -0.455  5.758   8.305   1.00 11.44 ? 69  LEU A CD1 1 
ATOM   87  C CD2 . LEU A 1 11 ? -2.351  4.644   9.541   1.00 12.86 ? 69  LEU A CD2 1 
ATOM   88  N N   . TYR A 1 12 ? -5.035  6.633   5.225   1.00 12.94 ? 70  TYR A N   1 
ATOM   89  C CA  . TYR A 1 12 ? -5.865  7.656   4.590   1.00 14.58 ? 70  TYR A CA  1 
ATOM   90  C C   . TYR A 1 12 ? -6.317  7.115   3.240   1.00 14.88 ? 70  TYR A C   1 
ATOM   91  O O   . TYR A 1 12 ? -5.636  6.292   2.661   1.00 14.51 ? 70  TYR A O   1 
ATOM   92  C CB  . TYR A 1 12 ? -5.038  8.918   4.312   1.00 17.72 ? 70  TYR A CB  1 
ATOM   93  C CG  . TYR A 1 12 ? -4.246  9.474   5.467   1.00 21.37 ? 70  TYR A CG  1 
ATOM   94  C CD1 . TYR A 1 12 ? -4.743  10.504  6.262   1.00 23.46 ? 70  TYR A CD1 1 
ATOM   95  C CD2 . TYR A 1 12 ? -2.978  8.974   5.757   1.00 20.45 ? 70  TYR A CD2 1 
ATOM   96  C CE1 . TYR A 1 12 ? -4.004  10.984  7.321   1.00 27.66 ? 70  TYR A CE1 1 
ATOM   97  C CE2 . TYR A 1 12 ? -2.235  9.444   6.821   1.00 23.39 ? 70  TYR A CE2 1 
ATOM   98  C CZ  . TYR A 1 12 ? -2.761  10.444  7.604   1.00 26.14 ? 70  TYR A CZ  1 
ATOM   99  O OH  . TYR A 1 12 ? -1.991  10.938  8.644   1.00 30.84 ? 70  TYR A OH  1 
ATOM   100 N N   . ASP A 1 13 ? -7.407  7.677   2.705   1.00 16.72 ? 71  ASP A N   1 
ATOM   101 C CA  . ASP A 1 13 ? -7.768  7.460   1.299   1.00 18.01 ? 71  ASP A CA  1 
ATOM   102 C C   . ASP A 1 13 ? -6.642  7.987   0.376   1.00 17.48 ? 71  ASP A C   1 
ATOM   103 O O   . ASP A 1 13 ? -6.068  9.026   0.687   1.00 18.51 ? 71  ASP A O   1 
ATOM   104 C CB  . ASP A 1 13 ? -9.052  8.252   0.967   1.00 19.98 ? 71  ASP A CB  1 
ATOM   105 C CG  . ASP A 1 13 ? -10.265 7.851   1.807   1.00 22.23 ? 71  ASP A CG  1 
ATOM   106 O OD1 . ASP A 1 13 ? -10.344 6.698   2.296   1.00 22.76 ? 71  ASP A OD1 1 
ATOM   107 O OD2 . ASP A 1 13 ? -11.188 8.689   2.002   1.00 25.52 ? 71  ASP A OD2 1 
ATOM   108 N N   . PHE A 1 14 ? -6.306  7.276   -0.689  1.00 19.52 ? 72  PHE A N   1 
ATOM   109 C CA  . PHE A 1 14 ? -5.331  7.779   -1.649  1.00 20.75 ? 72  PHE A CA  1 
ATOM   110 C C   . PHE A 1 14 ? -6.006  7.584   -2.995  1.00 21.99 ? 72  PHE A C   1 
ATOM   111 O O   . PHE A 1 14 ? -6.320  6.454   -3.357  1.00 20.67 ? 72  PHE A O   1 
ATOM   112 C CB  . PHE A 1 14 ? -3.997  7.007   -1.573  1.00 20.65 ? 72  PHE A CB  1 
ATOM   113 C CG  . PHE A 1 14 ? -3.033  7.291   -2.707  1.00 18.80 ? 72  PHE A CG  1 
ATOM   114 C CD1 . PHE A 1 14 ? -2.410  8.527   -2.802  1.00 23.86 ? 72  PHE A CD1 1 
ATOM   115 C CD2 . PHE A 1 14 ? -2.724  6.313   -3.642  1.00 20.76 ? 72  PHE A CD2 1 
ATOM   116 C CE1 . PHE A 1 14 ? -1.482  8.788   -3.797  1.00 19.00 ? 72  PHE A CE1 1 
ATOM   117 C CE2 . PHE A 1 14 ? -1.777  6.573   -4.680  1.00 20.77 ? 72  PHE A CE2 1 
ATOM   118 C CZ  . PHE A 1 14 ? -1.190  7.833   -4.750  1.00 20.76 ? 72  PHE A CZ  1 
ATOM   119 N N   . VAL A 1 15 ? -6.174  8.666   -3.762  1.00 24.01 ? 73  VAL A N   1 
ATOM   120 C CA  . VAL A 1 15 ? -6.717  8.549   -5.116  1.00 27.23 ? 73  VAL A CA  1 
ATOM   121 C C   . VAL A 1 15 ? -5.612  8.630   -6.172  1.00 28.20 ? 73  VAL A C   1 
ATOM   122 O O   . VAL A 1 15 ? -4.815  9.573   -6.212  1.00 28.99 ? 73  VAL A O   1 
ATOM   123 C CB  . VAL A 1 15 ? -7.917  9.491   -5.345  1.00 26.48 ? 73  VAL A CB  1 
ATOM   124 C CG1 . VAL A 1 15 ? -8.291  9.579   -6.827  1.00 29.86 ? 73  VAL A CG1 1 
ATOM   125 C CG2 . VAL A 1 15 ? -9.108  9.006   -4.533  1.00 28.88 ? 73  VAL A CG2 1 
ATOM   126 N N   . ALA A 1 16 ? -5.556  7.598   -7.005  1.00 29.88 ? 74  ALA A N   1 
ATOM   127 C CA  . ALA A 1 16 ? -4.451  7.392   -7.931  1.00 30.68 ? 74  ALA A CA  1 
ATOM   128 C C   . ALA A 1 16 ? -4.263  8.575   -8.865  1.00 31.40 ? 74  ALA A C   1 
ATOM   129 O O   . ALA A 1 16 ? -5.247  9.080   -9.413  1.00 32.19 ? 74  ALA A O   1 
ATOM   130 C CB  . ALA A 1 16 ? -4.712  6.148   -8.776  1.00 30.76 ? 74  ALA A CB  1 
ATOM   131 N N   . SER A 1 17 ? -3.005  8.960   -9.080  0.50 30.88 ? 75  SER A N   1 
ATOM   132 C CA  . SER A 1 17 ? -2.613  9.792   -10.222 0.50 30.34 ? 75  SER A CA  1 
ATOM   133 C C   . SER A 1 17 ? -1.358  9.211   -10.870 0.50 29.95 ? 75  SER A C   1 
ATOM   134 O O   . SER A 1 17 ? -0.283  9.268   -10.284 0.50 30.65 ? 75  SER A O   1 
ATOM   135 C CB  . SER A 1 17 ? -2.306  11.225  -9.783  0.50 30.32 ? 75  SER A CB  1 
ATOM   136 O OG  . SER A 1 17 ? -3.430  11.883  -9.231  0.50 30.17 ? 75  SER A OG  1 
ATOM   137 N N   . GLY A 1 18 ? -1.461  8.617   -12.053 0.50 29.86 ? 76  GLY A N   1 
ATOM   138 C CA  . GLY A 1 18 ? -2.717  8.240   -12.681 0.50 29.39 ? 76  GLY A CA  1 
ATOM   139 C C   . GLY A 1 18 ? -2.481  6.882   -13.317 0.50 28.43 ? 76  GLY A C   1 
ATOM   140 O O   . GLY A 1 18 ? -3.290  5.968   -13.157 0.50 29.19 ? 76  GLY A O   1 
ATOM   141 N N   . ASP A 1 19 ? -1.352  6.728   -14.009 0.50 27.42 ? 77  ASP A N   1 
ATOM   142 C CA  . ASP A 1 19 ? -1.046  5.459   -14.669 0.50 25.78 ? 77  ASP A CA  1 
ATOM   143 C C   . ASP A 1 19 ? -0.286  4.515   -13.738 0.50 25.24 ? 77  ASP A C   1 
ATOM   144 O O   . ASP A 1 19 ? 0.811   4.832   -13.288 0.50 24.83 ? 77  ASP A O   1 
ATOM   145 C CB  . ASP A 1 19 ? -0.259  5.682   -15.969 0.50 26.18 ? 77  ASP A CB  1 
ATOM   146 C CG  . ASP A 1 19 ? -0.932  6.674   -16.897 0.50 25.48 ? 77  ASP A CG  1 
ATOM   147 O OD1 . ASP A 1 19 ? -2.170  6.596   -17.054 0.50 27.62 ? 77  ASP A OD1 1 
ATOM   148 O OD2 . ASP A 1 19 ? -0.227  7.544   -17.449 0.50 28.45 ? 77  ASP A OD2 1 
ATOM   149 N N   . ASN A 1 20 ? -0.891  3.373   -13.428 0.50 24.62 ? 78  ASN A N   1 
ATOM   150 C CA  . ASN A 1 20 ? -0.279  2.375   -12.547 0.50 23.68 ? 78  ASN A CA  1 
ATOM   151 C C   . ASN A 1 20 ? 0.040   2.815   -11.113 0.50 23.03 ? 78  ASN A C   1 
ATOM   152 O O   . ASN A 1 20 ? 0.918   2.269   -10.431 0.50 20.07 ? 78  ASN A O   1 
ATOM   153 C CB  . ASN A 1 20 ? 0.983   1.795   -13.165 0.50 23.96 ? 78  ASN A CB  1 
ATOM   154 C CG  . ASN A 1 20 ? 1.749   0.931   -12.178 0.50 26.33 ? 78  ASN A CG  1 
ATOM   155 O OD1 . ASN A 1 20 ? 1.175   0.048   -11.534 0.50 30.01 ? 78  ASN A OD1 1 
ATOM   156 N ND2 . ASN A 1 20 ? 3.042   1.204   -12.024 0.50 27.99 ? 78  ASN A ND2 1 
ATOM   157 N N   . THR A 1 21 ? -0.668  3.839   -10.672 1.00 23.42 ? 79  THR A N   1 
ATOM   158 C CA  . THR A 1 21 ? -0.832  4.060   -9.236  1.00 23.17 ? 79  THR A CA  1 
ATOM   159 C C   . THR A 1 21 ? -2.071  3.277   -8.880  1.00 23.66 ? 79  THR A C   1 
ATOM   160 O O   . THR A 1 21 ? -2.935  3.048   -9.733  1.00 24.85 ? 79  THR A O   1 
ATOM   161 C CB  . THR A 1 21 ? -0.989  5.552   -8.922  1.00 23.77 ? 79  THR A CB  1 
ATOM   162 O OG1 . THR A 1 21 ? -1.835  6.129   -9.929  1.00 25.72 ? 79  THR A OG1 1 
ATOM   163 C CG2 . THR A 1 21 ? 0.373   6.196   -8.991  1.00 24.83 ? 79  THR A CG2 1 
ATOM   164 N N   . LEU A 1 22 ? -2.152  2.832   -7.635  1.00 21.39 ? 80  LEU A N   1 
ATOM   165 C CA  . LEU A 1 22 ? -3.291  2.039   -7.237  1.00 20.56 ? 80  LEU A CA  1 
ATOM   166 C C   . LEU A 1 22 ? -4.101  2.887   -6.290  1.00 18.80 ? 80  LEU A C   1 
ATOM   167 O O   . LEU A 1 22 ? -3.570  3.505   -5.352  1.00 21.90 ? 80  LEU A O   1 
ATOM   168 C CB  . LEU A 1 22 ? -2.846  0.745   -6.548  1.00 19.44 ? 80  LEU A CB  1 
ATOM   169 C CG  . LEU A 1 22 ? -3.929  -0.154  -5.942  1.00 18.16 ? 80  LEU A CG  1 
ATOM   170 C CD1 . LEU A 1 22 ? -4.933  -0.580  -7.026  1.00 23.63 ? 80  LEU A CD1 1 
ATOM   171 C CD2 . LEU A 1 22 ? -3.315  -1.358  -5.254  1.00 21.56 ? 80  LEU A CD2 1 
ATOM   172 N N   . SER A 1 23 ? -5.413  2.883   -6.496  1.00 19.13 ? 81  SER A N   1 
ATOM   173 C CA  A SER A 1 23 ? -6.293  3.632   -5.603  0.50 17.24 ? 81  SER A CA  1 
ATOM   174 C CA  B SER A 1 23 ? -6.255  3.622   -5.576  0.50 18.01 ? 81  SER A CA  1 
ATOM   175 C C   . SER A 1 23 ? -6.596  2.824   -4.322  1.00 16.95 ? 81  SER A C   1 
ATOM   176 O O   . SER A 1 23 ? -6.905  1.631   -4.426  1.00 18.24 ? 81  SER A O   1 
ATOM   177 C CB  A SER A 1 23 ? -7.584  4.014   -6.341  0.50 16.39 ? 81  SER A CB  1 
ATOM   178 C CB  B SER A 1 23 ? -7.573  4.001   -6.216  0.50 17.27 ? 81  SER A CB  1 
ATOM   179 O OG  A SER A 1 23 ? -7.390  5.142   -7.205  0.50 14.32 ? 81  SER A OG  1 
ATOM   180 O OG  B SER A 1 23 ? -8.023  5.086   -5.437  0.50 19.93 ? 81  SER A OG  1 
ATOM   181 N N   . ILE A 1 24 ? -6.510  3.476   -3.148  1.00 17.07 ? 82  ILE A N   1 
ATOM   182 C CA  . ILE A 1 24 ? -6.818  2.846   -1.837  1.00 18.12 ? 82  ILE A CA  1 
ATOM   183 C C   . ILE A 1 24 ? -7.754  3.610   -0.893  1.00 14.09 ? 82  ILE A C   1 
ATOM   184 O O   . ILE A 1 24 ? -7.962  4.811   -0.909  1.00 16.21 ? 82  ILE A O   1 
ATOM   185 C CB  . ILE A 1 24 ? -5.533  2.408   -1.067  1.00 19.19 ? 82  ILE A CB  1 
ATOM   186 C CG1 . ILE A 1 24 ? -4.697  3.630   -0.640  1.00 19.47 ? 82  ILE A CG1 1 
ATOM   187 C CG2 . ILE A 1 24 ? -4.782  1.338   -1.831  1.00 18.83 ? 82  ILE A CG2 1 
ATOM   188 C CD1 . ILE A 1 24 ? -3.426  3.303   0.167   1.00 20.26 ? 82  ILE A CD1 1 
ATOM   189 N N   . THR A 1 25 ? -8.333  2.873   0.052   1.00 14.97 ? 83  THR A N   1 
ATOM   190 C CA  . THR A 1 25 ? -9.245  3.469   0.979   1.00 12.86 ? 83  THR A CA  1 
ATOM   191 C C   . THR A 1 25 ? -8.837  3.398   2.518   1.00 13.37 ? 83  THR A C   1 
ATOM   192 O O   . THR A 1 25 ? -8.366  2.367   2.939   1.00 13.14 ? 83  THR A O   1 
ATOM   193 C CB  . THR A 1 25 ? -10.585 2.677   0.795   1.00 15.83 ? 83  THR A CB  1 
ATOM   194 O OG1 . THR A 1 25 ? -11.139 2.825   -0.534  1.00 17.74 ? 83  THR A OG1 1 
ATOM   195 C CG2 . THR A 1 25 ? -11.596 3.242   1.694   1.00 11.55 ? 83  THR A CG2 1 
ATOM   196 N N   . LYS A 1 26 ? -9.025  4.415   3.349   1.00 12.55 ? 84  LYS A N   1 
ATOM   197 C CA  . LYS A 1 26 ? -8.659  4.332   4.790   1.00 12.72 ? 84  LYS A CA  1 
ATOM   198 C C   . LYS A 1 26 ? -9.205  3.036   5.413   1.00 14.44 ? 84  LYS A C   1 
ATOM   199 O O   . LYS A 1 26 ? -10.392 2.660   5.248   1.00 14.61 ? 84  LYS A O   1 
ATOM   200 C CB  . LYS A 1 26 ? -9.071  5.575   5.576   1.00 14.88 ? 84  LYS A CB  1 
ATOM   201 C CG  . LYS A 1 26 ? -8.758  5.500   7.030   1.00 18.39 ? 84  LYS A CG  1 
ATOM   202 C CD  . LYS A 1 26 ? -9.387  6.703   7.680   1.00 23.41 ? 84  LYS A CD  1 
ATOM   203 C CE  . LYS A 1 26 ? -8.598  7.078   8.895   1.00 26.09 ? 84  LYS A CE  1 
ATOM   204 N NZ  . LYS A 1 26 ? -8.715  6.076   10.002  1.00 29.82 ? 84  LYS A NZ  1 
ATOM   205 N N   . GLY A 1 27 ? -8.301  2.257   6.008   1.00 10.88 ? 85  GLY A N   1 
ATOM   206 C CA  . GLY A 1 27 ? -8.660  1.017   6.691   1.00 12.97 ? 85  GLY A CA  1 
ATOM   207 C C   . GLY A 1 27 ? -8.544  -0.215  5.805   1.00 11.97 ? 85  GLY A C   1 
ATOM   208 O O   . GLY A 1 27 ? -8.632  -1.387  6.262   1.00 12.38 ? 85  GLY A O   1 
ATOM   209 N N   . GLU A 1 28 ? -8.306  -0.002  4.515   1.00 10.61 ? 86  GLU A N   1 
ATOM   210 C CA  . GLU A 1 28 ? -8.149  -1.086  3.593   1.00 10.02 ? 86  GLU A CA  1 
ATOM   211 C C   . GLU A 1 28 ? -6.837  -1.829  3.806   1.00 10.77 ? 86  GLU A C   1 
ATOM   212 O O   . GLU A 1 28 ? -5.828  -1.201  4.172   1.00 11.33 ? 86  GLU A O   1 
ATOM   213 C CB  . GLU A 1 28 ? -8.154  -0.535  2.151   1.00 11.41 ? 86  GLU A CB  1 
ATOM   214 C CG  . GLU A 1 28 ? -8.098  -1.543  1.055   1.00 13.61 ? 86  GLU A CG  1 
ATOM   215 C CD  . GLU A 1 28 ? -8.350  -0.965  -0.322  1.00 11.69 ? 86  GLU A CD  1 
ATOM   216 O OE1 . GLU A 1 28 ? -8.245  0.274   -0.441  1.00 15.09 ? 86  GLU A OE1 1 
ATOM   217 O OE2 . GLU A 1 28 ? -8.564  -1.742  -1.252  1.00 17.28 ? 86  GLU A OE2 1 
ATOM   218 N N   . LYS A 1 29 ? -6.903  -3.143  3.675   1.00 9.54  ? 87  LYS A N   1 
ATOM   219 C CA  . LYS A 1 29 ? -5.729  -3.975  3.751   1.00 10.14 ? 87  LYS A CA  1 
ATOM   220 C C   . LYS A 1 29 ? -5.055  -4.031  2.389   1.00 11.97 ? 87  LYS A C   1 
ATOM   221 O O   . LYS A 1 29 ? -5.716  -4.034  1.325   1.00 13.12 ? 87  LYS A O   1 
ATOM   222 C CB  . LYS A 1 29 ? -6.090  -5.372  4.216   1.00 12.93 ? 87  LYS A CB  1 
ATOM   223 C CG  . LYS A 1 29 ? -6.687  -5.376  5.619   1.00 16.76 ? 87  LYS A CG  1 
ATOM   224 C CD  . LYS A 1 29 ? -5.710  -4.869  6.660   1.00 21.36 ? 87  LYS A CD  1 
ATOM   225 C CE  . LYS A 1 29 ? -6.424  -4.589  7.998   1.00 24.47 ? 87  LYS A CE  1 
ATOM   226 N NZ  . LYS A 1 29 ? -7.455  -5.590  8.472   1.00 25.08 ? 87  LYS A NZ  1 
ATOM   227 N N   . LEU A 1 30 ? -3.761  -4.041  2.413   1.00 10.42 ? 88  LEU A N   1 
ATOM   228 C CA  . LEU A 1 30 ? -2.967  -4.151  1.229   1.00 12.40 ? 88  LEU A CA  1 
ATOM   229 C C   . LEU A 1 30 ? -1.797  -5.101  1.425   1.00 11.14 ? 88  LEU A C   1 
ATOM   230 O O   . LEU A 1 30 ? -1.301  -5.208  2.458   1.00 12.22 ? 88  LEU A O   1 
ATOM   231 C CB  . LEU A 1 30 ? -2.345  -2.810  0.853   1.00 15.38 ? 88  LEU A CB  1 
ATOM   232 C CG  . LEU A 1 30 ? -2.872  -1.643  0.034   1.00 19.59 ? 88  LEU A CG  1 
ATOM   233 C CD1 . LEU A 1 30 ? -4.208  -1.358  0.788   1.00 19.72 ? 88  LEU A CD1 1 
ATOM   234 C CD2 . LEU A 1 30 ? -1.964  -0.469  0.243   1.00 21.22 ? 88  LEU A CD2 1 
ATOM   235 N N   . ARG A 1 31 ? -1.321  -5.670  0.366   1.00 11.30 ? 89  ARG A N   1 
ATOM   236 C CA  . ARG A 1 31 ? -0.167  -6.516  0.419   1.00 11.17 ? 89  ARG A CA  1 
ATOM   237 C C   . ARG A 1 31 ? 0.947   -5.784  -0.332  1.00 11.32 ? 89  ARG A C   1 
ATOM   238 O O   . ARG A 1 31 ? 0.807   -5.508  -1.545  1.00 12.37 ? 89  ARG A O   1 
ATOM   239 C CB  . ARG A 1 31 ? -0.559  -7.825  -0.275  1.00 12.72 ? 89  ARG A CB  1 
ATOM   240 C CG  . ARG A 1 31 ? 0.624   -8.730  -0.381  0.65 11.13 ? 89  ARG A CG  1 
ATOM   241 C CD  . ARG A 1 31 ? 0.227   -10.104 -0.838  0.65 15.20 ? 89  ARG A CD  1 
ATOM   242 N NE  . ARG A 1 31 ? -0.879  -10.608 -0.015  0.65 19.73 ? 89  ARG A NE  1 
ATOM   243 C CZ  . ARG A 1 31 ? -0.786  -11.130 1.215   0.65 16.84 ? 89  ARG A CZ  1 
ATOM   244 N NH1 . ARG A 1 31 ? 0.395   -11.312 1.809   0.65 15.27 ? 89  ARG A NH1 1 
ATOM   245 N NH2 . ARG A 1 31 ? -1.887  -11.556 1.827   0.65 20.89 ? 89  ARG A NH2 1 
ATOM   246 N N   . VAL A 1 32 ? 2.067   -5.473  0.286   1.00 9.84  ? 90  VAL A N   1 
ATOM   247 C CA  . VAL A 1 32 ? 3.148   -4.783  -0.345  1.00 9.63  ? 90  VAL A CA  1 
ATOM   248 C C   . VAL A 1 32 ? 4.094   -5.791  -0.947  1.00 10.19 ? 90  VAL A C   1 
ATOM   249 O O   . VAL A 1 32 ? 4.536   -6.736  -0.304  1.00 9.90  ? 90  VAL A O   1 
ATOM   250 C CB  . VAL A 1 32 ? 3.897   -3.851  0.643   1.00 9.92  ? 90  VAL A CB  1 
ATOM   251 C CG1 . VAL A 1 32 ? 5.134   -3.321  0.017   1.00 9.71  ? 90  VAL A CG1 1 
ATOM   252 C CG2 . VAL A 1 32 ? 2.951   -2.735  1.049   1.00 11.17 ? 90  VAL A CG2 1 
ATOM   253 N N   . LEU A 1 33 ? 4.381   -5.633  -2.242  1.00 9.17  ? 91  LEU A N   1 
ATOM   254 C CA  . LEU A 1 33 ? 5.266   -6.563  -2.948  1.00 10.12 ? 91  LEU A CA  1 
ATOM   255 C C   . LEU A 1 33 ? 6.672   -6.068  -3.190  1.00 8.82  ? 91  LEU A C   1 
ATOM   256 O O   . LEU A 1 33 ? 7.619   -6.812  -3.345  1.00 9.90  ? 91  LEU A O   1 
ATOM   257 C CB  . LEU A 1 33 ? 4.561   -6.930  -4.242  1.00 13.05 ? 91  LEU A CB  1 
ATOM   258 C CG  . LEU A 1 33 ? 3.299   -7.801  -4.074  1.00 16.54 ? 91  LEU A CG  1 
ATOM   259 C CD1 . LEU A 1 33 ? 2.705   -8.218  -5.401  1.00 23.99 ? 91  LEU A CD1 1 
ATOM   260 C CD2 . LEU A 1 33 ? 3.561   -9.005  -3.147  1.00 19.16 ? 91  LEU A CD2 1 
ATOM   261 N N   . GLY A 1 34 ? 6.796   -4.756  -3.217  1.00 10.00 ? 92  GLY A N   1 
ATOM   262 C CA  . GLY A 1 34 ? 8.038   -4.101  -3.603  1.00 12.51 ? 92  GLY A CA  1 
ATOM   263 C C   . GLY A 1 34 ? 8.091   -2.678  -3.136  1.00 9.26  ? 92  GLY A C   1 
ATOM   264 O O   . GLY A 1 34 ? 7.042   -2.057  -2.851  1.00 8.91  ? 92  GLY A O   1 
ATOM   265 N N   . TYR A 1 35 ? 9.327   -2.174  -3.128  1.00 9.67  ? 93  TYR A N   1 
ATOM   266 C CA  . TYR A 1 35 ? 9.555   -0.760  -2.824  1.00 9.36  ? 93  TYR A CA  1 
ATOM   267 C C   . TYR A 1 35 ? 10.301  -0.072  -3.969  1.00 10.45 ? 93  TYR A C   1 
ATOM   268 O O   . TYR A 1 35 ? 11.049  -0.756  -4.705  1.00 11.65 ? 93  TYR A O   1 
ATOM   269 C CB  . TYR A 1 35 ? 10.411  -0.614  -1.570  1.00 8.78  ? 93  TYR A CB  1 
ATOM   270 C CG  . TYR A 1 35 ? 9.792   -1.078  -0.253  1.00 8.09  ? 93  TYR A CG  1 
ATOM   271 C CD1 . TYR A 1 35 ? 10.151  -2.303  0.295   1.00 9.63  ? 93  TYR A CD1 1 
ATOM   272 C CD2 . TYR A 1 35 ? 8.855   -0.325  0.411   1.00 7.54  ? 93  TYR A CD2 1 
ATOM   273 C CE1 . TYR A 1 35 ? 9.628   -2.751  1.489   1.00 8.16  ? 93  TYR A CE1 1 
ATOM   274 C CE2 . TYR A 1 35 ? 8.326   -0.742  1.615   1.00 9.30  ? 93  TYR A CE2 1 
ATOM   275 C CZ  . TYR A 1 35 ? 8.726   -1.939  2.138   1.00 10.67 ? 93  TYR A CZ  1 
ATOM   276 O OH  . TYR A 1 35 ? 8.219   -2.366  3.338   1.00 10.27 ? 93  TYR A OH  1 
ATOM   277 N N   . ASN A 1 36 ? 10.186  1.253   -4.093  1.00 9.54  ? 94  ASN A N   1 
ATOM   278 C CA  . ASN A 1 36 ? 11.205  2.009   -4.815  1.00 10.92 ? 94  ASN A CA  1 
ATOM   279 C C   . ASN A 1 36 ? 12.457  2.052   -3.965  1.00 8.93  ? 94  ASN A C   1 
ATOM   280 O O   . ASN A 1 36 ? 12.522  1.509   -2.842  1.00 10.10 ? 94  ASN A O   1 
ATOM   281 C CB  . ASN A 1 36 ? 10.687  3.397   -5.219  1.00 10.76 ? 94  ASN A CB  1 
ATOM   282 C CG  . ASN A 1 36 ? 10.704  4.376   -4.072  1.00 9.86  ? 94  ASN A CG  1 
ATOM   283 O OD1 . ASN A 1 36 ? 10.366  4.008   -2.932  1.00 9.79  ? 94  ASN A OD1 1 
ATOM   284 N ND2 . ASN A 1 36 ? 11.050  5.624   -4.336  1.00 10.56 ? 94  ASN A ND2 1 
ATOM   285 N N   A HIS A 1 37 ? 13.538  2.614   -4.483  0.80 9.30  ? 95  HIS A N   1 
ATOM   286 N N   B HIS A 1 37 ? 13.443  2.761   -4.510  0.20 10.06 ? 95  HIS A N   1 
ATOM   287 C CA  A HIS A 1 37 ? 14.818  2.468   -3.803  0.80 9.04  ? 95  HIS A CA  1 
ATOM   288 C CA  B HIS A 1 37 ? 14.781  2.816   -3.960  0.20 10.47 ? 95  HIS A CA  1 
ATOM   289 C C   A HIS A 1 37 ? 14.873  3.048   -2.362  0.80 8.78  ? 95  HIS A C   1 
ATOM   290 C C   B HIS A 1 37 ? 14.775  3.025   -2.462  0.20 9.58  ? 95  HIS A C   1 
ATOM   291 O O   A HIS A 1 37 ? 15.643  2.548   -1.524  0.80 7.93  ? 95  HIS A O   1 
ATOM   292 O O   B HIS A 1 37 ? 15.381  2.249   -1.729  0.20 8.05  ? 95  HIS A O   1 
ATOM   293 C CB  A HIS A 1 37 ? 15.871  3.102   -4.721  0.80 9.01  ? 95  HIS A CB  1 
ATOM   294 C CB  B HIS A 1 37 ? 15.582  3.953   -4.623  0.20 11.34 ? 95  HIS A CB  1 
ATOM   295 C CG  A HIS A 1 37 ? 15.798  4.594   -4.755  0.80 11.30 ? 95  HIS A CG  1 
ATOM   296 C CG  B HIS A 1 37 ? 16.899  4.225   -3.965  0.20 11.50 ? 95  HIS A CG  1 
ATOM   297 N ND1 A HIS A 1 37 ? 14.938  5.315   -5.558  0.80 15.26 ? 95  HIS A ND1 1 
ATOM   298 N ND1 B HIS A 1 37 ? 17.911  3.290   -3.938  0.20 15.49 ? 95  HIS A ND1 1 
ATOM   299 C CD2 A HIS A 1 37 ? 16.519  5.502   -4.067  0.80 9.42  ? 95  HIS A CD2 1 
ATOM   300 C CD2 B HIS A 1 37 ? 17.376  5.312   -3.316  0.20 16.54 ? 95  HIS A CD2 1 
ATOM   301 C CE1 A HIS A 1 37 ? 15.147  6.607   -5.369  0.80 12.57 ? 95  HIS A CE1 1 
ATOM   302 C CE1 B HIS A 1 37 ? 18.952  3.787   -3.295  0.20 18.83 ? 95  HIS A CE1 1 
ATOM   303 N NE2 A HIS A 1 37 ? 16.070  6.742   -4.433  0.80 12.10 ? 95  HIS A NE2 1 
ATOM   304 N NE2 B HIS A 1 37 ? 18.647  5.009   -2.893  0.20 18.35 ? 95  HIS A NE2 1 
ATOM   305 N N   . ASN A 1 38 ? 14.077  4.084   -2.059  1.00 9.42  ? 96  ASN A N   1 
ATOM   306 C CA  . ASN A 1 38 ? 14.094  4.622   -0.691  1.00 9.33  ? 96  ASN A CA  1 
ATOM   307 C C   . ASN A 1 38 ? 12.847  4.247   0.088   1.00 9.53  ? 96  ASN A C   1 
ATOM   308 O O   . ASN A 1 38 ? 12.649  4.752   1.185   1.00 9.39  ? 96  ASN A O   1 
ATOM   309 C CB  . ASN A 1 38 ? 14.290  6.143   -0.696  1.00 10.76 ? 96  ASN A CB  1 
ATOM   310 C CG  . ASN A 1 38 ? 13.358  6.844   -1.641  1.00 11.05 ? 96  ASN A CG  1 
ATOM   311 O OD1 . ASN A 1 38 ? 12.177  6.480   -1.746  1.00 10.26 ? 96  ASN A OD1 1 
ATOM   312 N ND2 . ASN A 1 38 ? 13.887  7.829   -2.358  1.00 10.57 ? 96  ASN A ND2 1 
ATOM   313 N N   . GLY A 1 39 ? 12.044  3.304   -0.389  1.00 9.13  ? 97  GLY A N   1 
ATOM   314 C CA  . GLY A 1 39 ? 10.880  2.870   0.373   1.00 8.05  ? 97  GLY A CA  1 
ATOM   315 C C   . GLY A 1 39 ? 9.758   3.857   0.547   1.00 8.64  ? 97  GLY A C   1 
ATOM   316 O O   . GLY A 1 39 ? 8.793   3.544   1.241   1.00 8.65  ? 97  GLY A O   1 
ATOM   317 N N   . GLU A 1 40 ? 9.782   5.000   -0.134  1.00 7.21  ? 98  GLU A N   1 
ATOM   318 C CA  . GLU A 1 40 ? 8.678   5.956   0.026   1.00 8.21  ? 98  GLU A CA  1 
ATOM   319 C C   . GLU A 1 40 ? 7.469   5.617   -0.827  1.00 8.43  ? 98  GLU A C   1 
ATOM   320 O O   . GLU A 1 40 ? 6.377   6.148   -0.637  1.00 8.87  ? 98  GLU A O   1 
ATOM   321 C CB  . GLU A 1 40 ? 9.154   7.394   -0.193  1.00 8.26  ? 98  GLU A CB  1 
ATOM   322 C CG  . GLU A 1 40 ? 10.138  7.801   0.899   1.00 10.56 ? 98  GLU A CG  1 
ATOM   323 C CD  . GLU A 1 40 ? 9.531   8.090   2.245   1.00 9.77  ? 98  GLU A CD  1 
ATOM   324 O OE1 . GLU A 1 40 ? 8.305   8.031   2.429   1.00 11.05 ? 98  GLU A OE1 1 
ATOM   325 O OE2 . GLU A 1 40 ? 10.328  8.340   3.158   1.00 11.37 ? 98  GLU A OE2 1 
ATOM   326 N N   . TRP A 1 41 ? 7.697   4.830   -1.864  1.00 7.30  ? 99  TRP A N   1 
ATOM   327 C CA  . TRP A 1 41 ? 6.626   4.285   -2.712  1.00 8.29  ? 99  TRP A CA  1 
ATOM   328 C C   . TRP A 1 41 ? 6.637   2.763   -2.650  1.00 8.81  ? 99  TRP A C   1 
ATOM   329 O O   . TRP A 1 41 ? 7.709   2.146   -2.668  1.00 8.56  ? 99  TRP A O   1 
ATOM   330 C CB  . TRP A 1 41 ? 6.832   4.806   -4.162  1.00 9.38  ? 99  TRP A CB  1 
ATOM   331 C CG  . TRP A 1 41 ? 6.466   6.282   -4.277  1.00 9.85  ? 99  TRP A CG  1 
ATOM   332 C CD1 . TRP A 1 41 ? 7.284   7.393   -4.127  1.00 9.35  ? 99  TRP A CD1 1 
ATOM   333 C CD2 . TRP A 1 41 ? 5.139   6.780   -4.478  1.00 7.68  ? 99  TRP A CD2 1 
ATOM   334 N NE1 . TRP A 1 41 ? 6.520   8.539   -4.233  1.00 8.61  ? 99  TRP A NE1 1 
ATOM   335 C CE2 . TRP A 1 41 ? 5.213   8.184   -4.459  1.00 8.80  ? 99  TRP A CE2 1 
ATOM   336 C CE3 . TRP A 1 41 ? 3.889   6.169   -4.681  1.00 8.35  ? 99  TRP A CE3 1 
ATOM   337 C CZ2 . TRP A 1 41 ? 4.074   8.994   -4.663  1.00 11.16 ? 99  TRP A CZ2 1 
ATOM   338 C CZ3 . TRP A 1 41 ? 2.776   6.968   -4.891  1.00 10.25 ? 99  TRP A CZ3 1 
ATOM   339 C CH2 . TRP A 1 41 ? 2.882   8.358   -4.908  1.00 10.88 ? 99  TRP A CH2 1 
ATOM   340 N N   . CYS A 1 42 ? 5.441   2.182   -2.662  1.00 9.10  ? 100 CYS A N   1 
ATOM   341 C CA  . CYS A 1 42 ? 5.227   0.748   -2.499  1.00 10.04 ? 100 CYS A CA  1 
ATOM   342 C C   . CYS A 1 42 ? 4.399   0.238   -3.653  1.00 10.22 ? 100 CYS A C   1 
ATOM   343 O O   . CYS A 1 42 ? 3.384   0.837   -4.015  1.00 10.78 ? 100 CYS A O   1 
ATOM   344 C CB  . CYS A 1 42 ? 4.472   0.481   -1.180  1.00 10.16 ? 100 CYS A CB  1 
ATOM   345 S SG  . CYS A 1 42 ? 5.363   1.014   0.297   1.00 12.71 ? 100 CYS A SG  1 
ATOM   346 N N   . GLU A 1 43 ? 4.864   -0.879  -4.190  1.00 11.79 ? 101 GLU A N   1 
ATOM   347 C CA  . GLU A 1 43 ? 4.073   -1.640  -5.162  1.00 11.59 ? 101 GLU A CA  1 
ATOM   348 C C   . GLU A 1 43 ? 3.156   -2.530  -4.344  1.00 12.42 ? 101 GLU A C   1 
ATOM   349 O O   . GLU A 1 43 ? 3.654   -3.407  -3.640  1.00 11.47 ? 101 GLU A O   1 
ATOM   350 C CB  . GLU A 1 43 ? 5.000   -2.431  -6.072  1.00 12.86 ? 101 GLU A CB  1 
ATOM   351 C CG  . GLU A 1 43 ? 4.224   -3.149  -7.094  1.00 19.64 ? 101 GLU A CG  1 
ATOM   352 C CD  . GLU A 1 43 ? 3.675   -2.222  -8.192  1.00 17.04 ? 101 GLU A CD  1 
ATOM   353 O OE1 . GLU A 1 43 ? 4.409   -1.329  -8.656  1.00 28.76 ? 101 GLU A OE1 1 
ATOM   354 O OE2 . GLU A 1 43 ? 2.503   -2.376  -8.539  1.00 27.52 ? 101 GLU A OE2 1 
ATOM   355 N N   . ALA A 1 44 ? 1.857   -2.268  -4.455  1.00 11.32 ? 102 ALA A N   1 
ATOM   356 C CA  . ALA A 1 44 ? 0.919   -2.895  -3.523  1.00 11.97 ? 102 ALA A CA  1 
ATOM   357 C C   . ALA A 1 44 ? -0.169  -3.658  -4.289  1.00 13.05 ? 102 ALA A C   1 
ATOM   358 O O   . ALA A 1 44 ? -0.451  -3.315  -5.469  1.00 13.87 ? 102 ALA A O   1 
ATOM   359 C CB  . ALA A 1 44 ? 0.284   -1.813  -2.663  1.00 13.44 ? 102 ALA A CB  1 
ATOM   360 N N   . GLN A 1 45 ? -0.719  -4.712  -3.702  1.00 12.19 ? 103 GLN A N   1 
ATOM   361 C CA  . GLN A 1 45 ? -1.914  -5.380  -4.227  1.00 14.49 ? 103 GLN A CA  1 
ATOM   362 C C   . GLN A 1 45 ? -3.073  -5.164  -3.246  1.00 14.55 ? 103 GLN A C   1 
ATOM   363 O O   . GLN A 1 45 ? -2.882  -5.330  -2.026  1.00 14.46 ? 103 GLN A O   1 
ATOM   364 C CB  . GLN A 1 45 ? -1.747  -6.883  -4.245  1.00 16.66 ? 103 GLN A CB  1 
ATOM   365 C CG  . GLN A 1 45 ? -0.788  -7.451  -5.236  1.00 21.08 ? 103 GLN A CG  1 
ATOM   366 C CD  . GLN A 1 45 ? -0.834  -8.977  -5.344  1.00 20.78 ? 103 GLN A CD  1 
ATOM   367 O OE1 . GLN A 1 45 ? -1.164  -9.704  -4.412  1.00 25.09 ? 103 GLN A OE1 1 
ATOM   368 N NE2 . GLN A 1 45 ? -0.442  -9.464  -6.509  1.00 23.20 ? 103 GLN A NE2 1 
ATOM   369 N N   . THR A 1 46 ? -4.280  -4.821  -3.699  1.00 14.07 ? 104 THR A N   1 
ATOM   370 C CA  . THR A 1 46 ? -5.528  -4.704  -2.902  1.00 16.21 ? 104 THR A CA  1 
ATOM   371 C C   . THR A 1 46 ? -6.651  -5.482  -3.540  1.00 18.83 ? 104 THR A C   1 
ATOM   372 O O   . THR A 1 46 ? -6.411  -6.065  -4.597  1.00 17.83 ? 104 THR A O   1 
ATOM   373 C CB  . THR A 1 46 ? -6.074  -3.302  -2.866  1.00 17.95 ? 104 THR A CB  1 
ATOM   374 O OG1 . THR A 1 46 ? -6.512  -2.995  -4.209  1.00 16.25 ? 104 THR A OG1 1 
ATOM   375 C CG2 . THR A 1 46 ? -5.008  -2.301  -2.388  1.00 19.25 ? 104 THR A CG2 1 
ATOM   376 N N   . LYS A 1 47 ? -7.854  -5.352  -2.972  1.00 17.99 ? 105 LYS A N   1 
ATOM   377 C CA  . LYS A 1 47 ? -9.048  -5.969  -3.549  1.00 18.74 ? 105 LYS A CA  1 
ATOM   378 C C   . LYS A 1 47 ? -9.385  -5.448  -4.951  1.00 19.68 ? 105 LYS A C   1 
ATOM   379 O O   . LYS A 1 47 ? -10.182 -6.073  -5.684  1.00 20.89 ? 105 LYS A O   1 
ATOM   380 C CB  . LYS A 1 47 ? -10.235 -5.804  -2.596  1.00 17.08 ? 105 LYS A CB  1 
ATOM   381 C CG  . LYS A 1 47 ? -10.718 -4.363  -2.365  1.00 19.82 ? 105 LYS A CG  1 
ATOM   382 C CD  . LYS A 1 47 ? -11.988 -4.338  -1.498  1.00 18.36 ? 105 LYS A CD  1 
ATOM   383 C CE  . LYS A 1 47 ? -11.725 -4.600  -0.008  1.00 20.18 ? 105 LYS A CE  1 
ATOM   384 N NZ  . LYS A 1 47 ? -10.681 -3.713  0.646   1.00 16.83 ? 105 LYS A NZ  1 
ATOM   385 N N   . ASN A 1 48 ? -8.766  -4.328  -5.330  1.00 18.75 ? 106 ASN A N   1 
ATOM   386 C CA  . ASN A 1 48 ? -9.017  -3.712  -6.643  1.00 17.97 ? 106 ASN A CA  1 
ATOM   387 C C   . ASN A 1 48 ? -7.925  -3.734  -7.715  1.00 19.11 ? 106 ASN A C   1 
ATOM   388 O O   . ASN A 1 48 ? -8.167  -3.308  -8.856  1.00 20.71 ? 106 ASN A O   1 
ATOM   389 C CB  . ASN A 1 48 ? -9.480  -2.290  -6.415  1.00 18.57 ? 106 ASN A CB  1 
ATOM   390 C CG  . ASN A 1 48 ? -10.758 -2.217  -5.621  1.00 21.96 ? 106 ASN A CG  1 
ATOM   391 O OD1 . ASN A 1 48 ? -10.758 -1.792  -4.467  1.00 22.00 ? 106 ASN A OD1 1 
ATOM   392 N ND2 . ASN A 1 48 ? -11.863 -2.546  -6.253  1.00 19.95 ? 106 ASN A ND2 1 
ATOM   393 N N   . GLY A 1 49 ? -6.732  -4.237  -7.426  1.00 19.39 ? 107 GLY A N   1 
ATOM   394 C CA  . GLY A 1 49 ? -5.680  -4.341  -8.418  1.00 17.69 ? 107 GLY A CA  1 
ATOM   395 C C   . GLY A 1 49 ? -4.301  -4.166  -7.811  1.00 18.57 ? 107 GLY A C   1 
ATOM   396 O O   . GLY A 1 49 ? -4.191  -4.334  -6.596  1.00 17.75 ? 107 GLY A O   1 
ATOM   397 N N   . GLN A 1 50 ? -3.271  -3.915  -8.633  1.00 15.92 ? 108 GLN A N   1 
ATOM   398 C CA  . GLN A 1 50 ? -1.857  -3.722  -8.269  1.00 16.13 ? 108 GLN A CA  1 
ATOM   399 C C   . GLN A 1 50 ? -1.333  -2.416  -8.796  1.00 16.37 ? 108 GLN A C   1 
ATOM   400 O O   . GLN A 1 50 ? -1.606  -2.056  -9.956  1.00 14.88 ? 108 GLN A O   1 
ATOM   401 C CB  . GLN A 1 50 ? -0.928  -4.732  -8.918  1.00 18.91 ? 108 GLN A CB  1 
ATOM   402 C CG  . GLN A 1 50 ? -0.929  -6.131  -8.454  1.00 22.51 ? 108 GLN A CG  1 
ATOM   403 C CD  . GLN A 1 50 ? 0.272   -6.866  -9.009  1.00 21.17 ? 108 GLN A CD  1 
ATOM   404 O OE1 . GLN A 1 50 ? 0.970   -6.390  -9.930  1.00 25.75 ? 108 GLN A OE1 1 
ATOM   405 N NE2 . GLN A 1 50 ? 0.551   -8.018  -8.437  1.00 25.49 ? 108 GLN A NE2 1 
ATOM   406 N N   . GLY A 1 51 ? -0.476  -1.745  -8.031  1.00 15.35 ? 109 GLY A N   1 
ATOM   407 C CA  . GLY A 1 51 ? 0.150   -0.505  -8.464  1.00 14.45 ? 109 GLY A CA  1 
ATOM   408 C C   . GLY A 1 51 ? 0.754   0.241   -7.290  1.00 13.23 ? 109 GLY A C   1 
ATOM   409 O O   . GLY A 1 51 ? 0.848   -0.285  -6.175  1.00 12.13 ? 109 GLY A O   1 
ATOM   410 N N   . TRP A 1 52 ? 1.254   1.436   -7.541  1.00 14.99 ? 110 TRP A N   1 
ATOM   411 C CA  . TRP A 1 52 ? 2.062   2.181   -6.574  1.00 12.56 ? 110 TRP A CA  1 
ATOM   412 C C   . TRP A 1 52 ? 1.225   3.009   -5.606  1.00 12.49 ? 110 TRP A C   1 
ATOM   413 O O   . TRP A 1 52 ? 0.264   3.634   -5.987  1.00 13.95 ? 110 TRP A O   1 
ATOM   414 C CB  . TRP A 1 52 ? 2.956   3.161   -7.313  1.00 14.97 ? 110 TRP A CB  1 
ATOM   415 C CG  . TRP A 1 52 ? 4.025   2.556   -8.089  1.00 15.73 ? 110 TRP A CG  1 
ATOM   416 C CD1 . TRP A 1 52 ? 4.079   2.406   -9.451  1.00 20.57 ? 110 TRP A CD1 1 
ATOM   417 C CD2 . TRP A 1 52 ? 5.272   2.096   -7.583  1.00 15.55 ? 110 TRP A CD2 1 
ATOM   418 N NE1 . TRP A 1 52 ? 5.284   1.848   -9.805  1.00 22.45 ? 110 TRP A NE1 1 
ATOM   419 C CE2 . TRP A 1 52 ? 6.028   1.622   -8.675  1.00 21.37 ? 110 TRP A CE2 1 
ATOM   420 C CE3 . TRP A 1 52 ? 5.799   1.986   -6.304  1.00 14.38 ? 110 TRP A CE3 1 
ATOM   421 C CZ2 . TRP A 1 52 ? 7.307   1.084   -8.519  1.00 21.18 ? 110 TRP A CZ2 1 
ATOM   422 C CZ3 . TRP A 1 52 ? 7.054   1.455   -6.140  1.00 15.51 ? 110 TRP A CZ3 1 
ATOM   423 C CH2 . TRP A 1 52 ? 7.807   1.004   -7.249  1.00 17.73 ? 110 TRP A CH2 1 
ATOM   424 N N   . VAL A 1 53 ? 1.632   3.027   -4.333  1.00 11.20 ? 111 VAL A N   1 
ATOM   425 C CA  . VAL A 1 53 ? 0.989   3.801   -3.276  1.00 11.26 ? 111 VAL A CA  1 
ATOM   426 C C   . VAL A 1 53 ? 2.090   4.368   -2.394  1.00 10.49 ? 111 VAL A C   1 
ATOM   427 O O   . VAL A 1 53 ? 3.136   3.737   -2.249  1.00 10.34 ? 111 VAL A O   1 
ATOM   428 C CB  . VAL A 1 53 ? 0.020   2.956   -2.396  1.00 12.56 ? 111 VAL A CB  1 
ATOM   429 C CG1 . VAL A 1 53 ? -1.014  2.219   -3.251  1.00 13.31 ? 111 VAL A CG1 1 
ATOM   430 C CG2 . VAL A 1 53 ? 0.806   1.937   -1.569  1.00 13.71 ? 111 VAL A CG2 1 
ATOM   431 N N   . PRO A 1 54 ? 1.907   5.556   -1.821  1.00 9.78  ? 112 PRO A N   1 
ATOM   432 C CA  . PRO A 1 54 ? 2.930   6.126   -0.932  1.00 9.83  ? 112 PRO A CA  1 
ATOM   433 C C   . PRO A 1 54 ? 3.045   5.518   0.476   1.00 9.25  ? 112 PRO A C   1 
ATOM   434 O O   . PRO A 1 54 ? 1.998   5.351   1.167   1.00 9.31  ? 112 PRO A O   1 
ATOM   435 C CB  . PRO A 1 54 ? 2.562   7.627   -0.852  1.00 12.30 ? 112 PRO A CB  1 
ATOM   436 C CG  . PRO A 1 54 ? 1.223   7.735   -1.479  1.00 13.63 ? 112 PRO A CG  1 
ATOM   437 C CD  . PRO A 1 54 ? 0.725   6.430   -1.965  1.00 12.12 ? 112 PRO A CD  1 
ATOM   438 N N   . SER A 1 55 ? 4.244   5.166   0.914   1.00 9.06  ? 113 SER A N   1 
ATOM   439 C CA  . SER A 1 55 ? 4.430   4.720   2.295   1.00 8.03  ? 113 SER A CA  1 
ATOM   440 C C   . SER A 1 55 ? 3.772   5.623   3.331   1.00 9.67  ? 113 SER A C   1 
ATOM   441 O O   . SER A 1 55 ? 3.335   5.182   4.392   1.00 11.12 ? 113 SER A O   1 
ATOM   442 C CB  . SER A 1 55 ? 5.921   4.656   2.591   1.00 8.28  ? 113 SER A CB  1 
ATOM   443 O OG  . SER A 1 55 ? 6.355   3.442   2.039   1.00 14.84 ? 113 SER A OG  1 
ATOM   444 N N   . ALA A 1 56 ? 3.771   6.928   3.095   1.00 8.95  ? 114 ALA A N   1 
ATOM   445 C CA  . ALA A 1 56 ? 3.269   7.874   4.095   1.00 9.90  ? 114 ALA A CA  1 
ATOM   446 C C   . ALA A 1 56 ? 1.777   7.672   4.365   1.00 9.83  ? 114 ALA A C   1 
ATOM   447 O O   . ALA A 1 56 ? 1.254   8.218   5.352   1.00 12.49 ? 114 ALA A O   1 
ATOM   448 C CB  . ALA A 1 56 ? 3.582   9.333   3.664   1.00 11.76 ? 114 ALA A CB  1 
ATOM   449 N N   . TYR A 1 57 ? 1.070   6.968   3.475   1.00 8.01  ? 115 TYR A N   1 
ATOM   450 C CA  . TYR A 1 57 ? -0.353  6.741   3.625   1.00 9.17  ? 115 TYR A CA  1 
ATOM   451 C C   . TYR A 1 57 ? -0.687  5.370   4.171   1.00 9.09  ? 115 TYR A C   1 
ATOM   452 O O   . TYR A 1 57 ? -1.870  5.071   4.309   1.00 9.16  ? 115 TYR A O   1 
ATOM   453 C CB  . TYR A 1 57 ? -1.055  6.880   2.259   1.00 11.64 ? 115 TYR A CB  1 
ATOM   454 C CG  . TYR A 1 57 ? -1.197  8.292   1.772   1.00 14.70 ? 115 TYR A CG  1 
ATOM   455 C CD1 . TYR A 1 57 ? -2.445  8.742   1.345   1.00 21.10 ? 115 TYR A CD1 1 
ATOM   456 C CD2 . TYR A 1 57 ? -0.101  9.131   1.667   1.00 16.19 ? 115 TYR A CD2 1 
ATOM   457 C CE1 . TYR A 1 57 ? -2.588  10.043  0.898   1.00 21.38 ? 115 TYR A CE1 1 
ATOM   458 C CE2 . TYR A 1 57 ? -0.232  10.412  1.175   1.00 23.11 ? 115 TYR A CE2 1 
ATOM   459 C CZ  . TYR A 1 57 ? -1.462  10.856  0.794   1.00 19.34 ? 115 TYR A CZ  1 
ATOM   460 O OH  . TYR A 1 57 ? -1.594  12.158  0.319   1.00 22.70 ? 115 TYR A OH  1 
ATOM   461 N N   . ILE A 1 58 ? 0.319   4.545   4.467   1.00 8.85  ? 116 ILE A N   1 
ATOM   462 C CA  . ILE A 1 58 ? 0.039   3.157   4.891   1.00 8.51  ? 116 ILE A CA  1 
ATOM   463 C C   . ILE A 1 58 ? 0.911   2.817   6.094   1.00 8.75  ? 116 ILE A C   1 
ATOM   464 O O   . ILE A 1 58 ? 1.881   3.501   6.339   1.00 7.60  ? 116 ILE A O   1 
ATOM   465 C CB  . ILE A 1 58 ? 0.178   2.140   3.743   1.00 8.39  ? 116 ILE A CB  1 
ATOM   466 C CG1 . ILE A 1 58 ? 1.664   2.040   3.316   1.00 7.92  ? 116 ILE A CG1 1 
ATOM   467 C CG2 . ILE A 1 58 ? -0.728  2.508   2.537   1.00 11.19 ? 116 ILE A CG2 1 
ATOM   468 C CD1 . ILE A 1 58 ? 1.942   1.048   2.143   1.00 9.43  ? 116 ILE A CD1 1 
ATOM   469 N N   . THR A 1 59 ? 0.603   1.692   6.736   1.00 7.56  ? 117 THR A N   1 
ATOM   470 C CA  . THR A 1 59 ? 1.455   1.255   7.842   1.00 7.43  ? 117 THR A CA  1 
ATOM   471 C C   . THR A 1 59 ? 1.370   -0.260  7.912   1.00 7.25  ? 117 THR A C   1 
ATOM   472 O O   . THR A 1 59 ? 0.303   -0.819  7.604   1.00 6.70  ? 117 THR A O   1 
ATOM   473 C CB  . THR A 1 59 ? 1.083   1.933   9.178   1.00 7.27  ? 117 THR A CB  1 
ATOM   474 O OG1 . THR A 1 59 ? 2.059   1.518   10.132  1.00 9.09  ? 117 THR A OG1 1 
ATOM   475 C CG2 . THR A 1 59 ? -0.304  1.510   9.675   1.00 9.55  ? 117 THR A CG2 1 
ATOM   476 N N   . PRO A 1 60 ? 2.444   -0.939  8.338   1.00 7.37  ? 118 PRO A N   1 
ATOM   477 C CA  . PRO A 1 60 ? 2.324   -2.378  8.515   1.00 7.93  ? 118 PRO A CA  1 
ATOM   478 C C   . PRO A 1 60 ? 1.296   -2.742  9.581   1.00 7.98  ? 118 PRO A C   1 
ATOM   479 O O   . PRO A 1 60 ? 1.178   -1.997  10.552  1.00 9.05  ? 118 PRO A O   1 
ATOM   480 C CB  . PRO A 1 60 ? 3.726   -2.822  8.949   1.00 10.69 ? 118 PRO A CB  1 
ATOM   481 C CG  . PRO A 1 60 ? 4.628   -1.687  8.605   1.00 14.25 ? 118 PRO A CG  1 
ATOM   482 C CD  . PRO A 1 60 ? 3.808   -0.409  8.521   1.00 9.34  ? 118 PRO A CD  1 
ATOM   483 N N   . VAL A 1 61 ? 0.572   -3.833  9.403   1.00 8.03  ? 119 VAL A N   1 
ATOM   484 C CA  . VAL A 1 61 ? -0.355  -4.318  10.408  1.00 8.34  ? 119 VAL A CA  1 
ATOM   485 C C   . VAL A 1 61 ? 0.360   -4.850  11.643  1.00 10.52 ? 119 VAL A C   1 
ATOM   486 O O   . VAL A 1 61 ? -0.068  -4.526  12.758  1.00 12.14 ? 119 VAL A O   1 
ATOM   487 C CB  . VAL A 1 61 ? -1.303  -5.336  9.810   1.00 9.43  ? 119 VAL A CB  1 
ATOM   488 C CG1 . VAL A 1 61 ? -2.110  -6.065  10.877  1.00 14.01 ? 119 VAL A CG1 1 
ATOM   489 C CG2 . VAL A 1 61 ? -2.242  -4.665  8.840   1.00 9.40  ? 119 VAL A CG2 1 
ATOM   490 N N   . ASN A 1 62 ? 1.460   -5.583  11.468  1.00 9.80  ? 120 ASN A N   1 
ATOM   491 C CA  . ASN A 1 62 ? 2.096   -6.208  12.636  1.00 12.16 ? 120 ASN A CA  1 
ATOM   492 C C   . ASN A 1 62 ? 2.660   -5.209  13.629  1.00 14.64 ? 120 ASN A C   1 
ATOM   493 O O   . ASN A 1 62 ? 3.150   -4.163  13.216  1.00 17.98 ? 120 ASN A O   1 
ATOM   494 C CB  . ASN A 1 62 ? 3.230   -7.130  12.174  1.00 12.00 ? 120 ASN A CB  1 
ATOM   495 C CG  . ASN A 1 62 ? 2.743   -8.421  11.597  1.00 13.17 ? 120 ASN A CG  1 
ATOM   496 O OD1 . ASN A 1 62 ? 1.598   -8.818  11.815  1.00 16.11 ? 120 ASN A OD1 1 
ATOM   497 N ND2 . ASN A 1 62 ? 3.621   -9.103  10.868  1.00 12.49 ? 120 ASN A ND2 1 
ATOM   498 N N   . SER A 1 63 ? 2.558   -5.594  14.905  1.00 15.14 ? 121 SER A N   1 
ATOM   499 C CA  . SER A 1 63 ? 3.369   -5.065  16.010  1.00 15.15 ? 121 SER A CA  1 
ATOM   500 C C   . SER A 1 63 ? 3.586   -6.138  17.082  1.00 16.56 ? 121 SER A C   1 
ATOM   501 O O   . SER A 1 63 ? 4.480   -5.928  17.880  1.00 17.44 ? 121 SER A O   1 
ATOM   502 C CB  . SER A 1 63 ? 2.709   -3.814  16.612  1.00 13.81 ? 121 SER A CB  1 
ATOM   503 O OG  . SER A 1 63 ? 1.525   -4.052  17.388  1.00 17.12 ? 121 SER A OG  1 
ATOM   504 O OXT . SER A 1 63 ? 2.940   -7.192  17.172  1.00 15.66 ? 121 SER A OXT 1 
HETATM 505 C C1  . GOL B 2 .  ? 5.875   6.780   -7.696  1.00 35.54 ? 500 GOL A C1  1 
HETATM 506 O O1  . GOL B 2 .  ? 6.789   5.748   -8.075  1.00 38.37 ? 500 GOL A O1  1 
HETATM 507 C C2  . GOL B 2 .  ? 4.795   6.932   -8.755  1.00 34.59 ? 500 GOL A C2  1 
HETATM 508 O O2  . GOL B 2 .  ? 3.958   5.779   -8.820  1.00 40.23 ? 500 GOL A O2  1 
HETATM 509 C C3  . GOL B 2 .  ? 3.875   8.122   -8.522  1.00 34.78 ? 500 GOL A C3  1 
HETATM 510 O O3  . GOL B 2 .  ? 3.788   8.818   -9.768  1.00 33.19 ? 500 GOL A O3  1 
HETATM 511 O O   . HOH C 3 .  ? -8.668  9.730   4.530   1.00 28.22 ? 1   HOH A O   1 
HETATM 512 O O   . HOH C 3 .  ? -1.680  -11.877 7.152   1.00 18.77 ? 2   HOH A O   1 
HETATM 513 O O   . HOH C 3 .  ? -9.564  -4.409  3.156   1.00 15.50 ? 3   HOH A O   1 
HETATM 514 O O   . HOH C 3 .  ? 1.779   -3.069  20.042  1.00 15.78 ? 4   HOH A O   1 
HETATM 515 O O   . HOH C 3 .  ? -1.003  -5.902  15.042  1.00 17.75 ? 5   HOH A O   1 
HETATM 516 O O   . HOH C 3 .  ? 8.041   -0.296  5.071   1.00 11.54 ? 6   HOH A O   1 
HETATM 517 O O   . HOH C 3 .  ? -8.350  -0.285  -9.380  1.00 27.35 ? 7   HOH A O   1 
HETATM 518 O O   . HOH C 3 .  ? 5.863   8.157   1.260   1.00 9.67  ? 8   HOH A O   1 
HETATM 519 O O   . HOH C 3 .  ? 6.239   -4.066  18.376  1.00 19.68 ? 9   HOH A O   1 
HETATM 520 O O   . HOH C 3 .  ? 2.389   -6.569  8.873   1.00 12.79 ? 10  HOH A O   1 
HETATM 521 O O   . HOH C 3 .  ? 0.478   -6.797  18.275  1.00 22.48 ? 11  HOH A O   1 
HETATM 522 O O   . HOH C 3 .  ? -9.564  -3.247  -10.636 1.00 32.83 ? 12  HOH A O   1 
HETATM 523 O O   . HOH C 3 .  ? -6.532  3.503   9.510   1.00 20.88 ? 13  HOH A O   1 
HETATM 524 O O   . HOH C 3 .  ? -0.557  -4.935  17.188  1.00 7.19  ? 14  HOH A O   1 
HETATM 525 O O   . HOH C 3 .  ? -12.674 3.766   4.952   1.00 17.47 ? 15  HOH A O   1 
HETATM 526 O O   . HOH C 3 .  ? -0.214  -14.951 2.167   1.00 17.17 ? 16  HOH A O   1 
HETATM 527 O O   . HOH C 3 .  ? -8.042  -4.664  -0.094  1.00 18.56 ? 17  HOH A O   1 
HETATM 528 O O   . HOH C 3 .  ? -12.420 6.542   4.014   1.00 31.31 ? 18  HOH A O   1 
HETATM 529 O O   . HOH C 3 .  ? 3.296   -9.639  18.184  1.00 26.37 ? 19  HOH A O   1 
HETATM 530 O O   . HOH C 3 .  ? 6.824   7.841   4.741   1.00 17.45 ? 20  HOH A O   1 
HETATM 531 O O   . HOH C 3 .  ? 5.640   -4.045  11.616  1.00 31.38 ? 21  HOH A O   1 
HETATM 532 O O   . HOH C 3 .  ? -7.692  -1.052  -3.876  1.00 23.84 ? 22  HOH A O   1 
HETATM 533 O O   . HOH C 3 .  ? 1.551   -8.702  14.824  1.00 32.73 ? 23  HOH A O   1 
HETATM 534 O O   . HOH C 3 .  ? -10.015 0.915   -2.388  1.00 16.18 ? 24  HOH A O   1 
HETATM 535 O O   . HOH C 3 .  ? -14.150 7.675   2.279   1.00 31.68 ? 25  HOH A O   1 
HETATM 536 O O   . HOH C 3 .  ? -6.424  8.716   9.448   1.00 32.67 ? 26  HOH A O   1 
HETATM 537 O O   . HOH C 3 .  ? -4.478  -8.510  12.921  1.00 30.51 ? 27  HOH A O   1 
HETATM 538 O O   . HOH C 3 .  ? 2.276   9.307   7.498   1.00 26.83 ? 28  HOH A O   1 
HETATM 539 O O   . HOH C 3 .  ? -5.431  11.154  -3.151  1.00 25.60 ? 29  HOH A O   1 
HETATM 540 O O   . HOH C 3 .  ? 10.555  8.678   5.733   1.00 18.59 ? 30  HOH A O   1 
HETATM 541 O O   . HOH C 3 .  ? 7.801   -1.259  7.601   1.00 17.14 ? 31  HOH A O   1 
HETATM 542 O O   . HOH C 3 .  ? -0.921  -0.249  -14.590 1.00 34.87 ? 32  HOH A O   1 
HETATM 543 O O   . HOH C 3 .  ? 1.198   -12.102 -4.053  1.00 31.38 ? 33  HOH A O   1 
HETATM 544 O O   . HOH C 3 .  ? -1.594  -0.426  -12.094 1.00 33.91 ? 34  HOH A O   1 
HETATM 545 O O   . HOH C 3 .  ? -4.001  -3.015  -11.521 0.50 13.97 ? 35  HOH A O   1 
HETATM 546 O O   . HOH C 3 .  ? 1.777   -0.161  11.909  0.50 2.77  ? 36  HOH A O   1 
# 
loop_
_pdbx_poly_seq_scheme.asym_id 
_pdbx_poly_seq_scheme.entity_id 
_pdbx_poly_seq_scheme.seq_id 
_pdbx_poly_seq_scheme.mon_id 
_pdbx_poly_seq_scheme.ndb_seq_num 
_pdbx_poly_seq_scheme.pdb_seq_num 
_pdbx_poly_seq_scheme.auth_seq_num 
_pdbx_poly_seq_scheme.pdb_mon_id 
_pdbx_poly_seq_scheme.auth_mon_id 
_pdbx_poly_seq_scheme.pdb_strand_id 
_pdbx_poly_seq_scheme.pdb_ins_code 
_pdbx_poly_seq_scheme.hetero 
A 1 1  MET 1  59  59  MET MET A . n 
A 1 2  GLU 2  60  60  GLU GLU A . n 
A 1 3  ASN 3  61  61  ASN ASN A . n 
A 1 4  ASP 4  62  62  ASP ASP A . n 
A 1 5  PRO 5  63  63  PRO PRO A . n 
A 1 6  ASN 6  64  64  ASN ASN A . n 
A 1 7  LEU 7  65  65  LEU LEU A . n 
A 1 8  PHE 8  66  66  PHE PHE A . n 
A 1 9  VAL 9  67  67  VAL VAL A . n 
A 1 10 ALA 10 68  68  ALA ALA A . n 
A 1 11 LEU 11 69  69  LEU LEU A . n 
A 1 12 TYR 12 70  70  TYR TYR A . n 
A 1 13 ASP 13 71  71  ASP ASP A . n 
A 1 14 PHE 14 72  72  PHE PHE A . n 
A 1 15 VAL 15 73  73  VAL VAL A . n 
A 1 16 ALA 16 74  74  ALA ALA A . n 
A 1 17 SER 17 75  75  SER SER A . n 
A 1 18 GLY 18 76  76  GLY GLY A . n 
A 1 19 ASP 19 77  77  ASP ASP A . n 
A 1 20 ASN 20 78  78  ASN ASN A . n 
A 1 21 THR 21 79  79  THR THR A . n 
A 1 22 LEU 22 80  80  LEU LEU A . n 
A 1 23 SER 23 81  81  SER SER A . n 
A 1 24 ILE 24 82  82  ILE ILE A . n 
A 1 25 THR 25 83  83  THR THR A . n 
A 1 26 LYS 26 84  84  LYS LYS A . n 
A 1 27 GLY 27 85  85  GLY GLY A . n 
A 1 28 GLU 28 86  86  GLU GLU A . n 
A 1 29 LYS 29 87  87  LYS LYS A . n 
A 1 30 LEU 30 88  88  LEU LEU A . n 
A 1 31 ARG 31 89  89  ARG ARG A . n 
A 1 32 VAL 32 90  90  VAL VAL A . n 
A 1 33 LEU 33 91  91  LEU LEU A . n 
A 1 34 GLY 34 92  92  GLY GLY A . n 
A 1 35 TYR 35 93  93  TYR TYR A . n 
A 1 36 ASN 36 94  94  ASN ASN A . n 
A 1 37 HIS 37 95  95  HIS HIS A . n 
A 1 38 ASN 38 96  96  ASN ASN A . n 
A 1 39 GLY 39 97  97  GLY GLY A . n 
A 1 40 GLU 40 98  98  GLU GLU A . n 
A 1 41 TRP 41 99  99  TRP TRP A . n 
A 1 42 CYS 42 100 100 CYS CYS A . n 
A 1 43 GLU 43 101 101 GLU GLU A . n 
A 1 44 ALA 44 102 102 ALA ALA A . n 
A 1 45 GLN 45 103 103 GLN GLN A . n 
A 1 46 THR 46 104 104 THR THR A . n 
A 1 47 LYS 47 105 105 LYS LYS A . n 
A 1 48 ASN 48 106 106 ASN ASN A . n 
A 1 49 GLY 49 107 107 GLY GLY A . n 
A 1 50 GLN 50 108 108 GLN GLN A . n 
A 1 51 GLY 51 109 109 GLY GLY A . n 
A 1 52 TRP 52 110 110 TRP TRP A . n 
A 1 53 VAL 53 111 111 VAL VAL A . n 
A 1 54 PRO 54 112 112 PRO PRO A . n 
A 1 55 SER 55 113 113 SER SER A . n 
A 1 56 ALA 56 114 114 ALA ALA A . n 
A 1 57 TYR 57 115 115 TYR TYR A . n 
A 1 58 ILE 58 116 116 ILE ILE A . n 
A 1 59 THR 59 117 117 THR THR A . n 
A 1 60 PRO 60 118 118 PRO PRO A . n 
A 1 61 VAL 61 119 119 VAL VAL A . n 
A 1 62 ASN 62 120 120 ASN ASN A . n 
A 1 63 SER 63 121 121 SER SER A . n 
# 
loop_
_pdbx_nonpoly_scheme.asym_id 
_pdbx_nonpoly_scheme.entity_id 
_pdbx_nonpoly_scheme.mon_id 
_pdbx_nonpoly_scheme.ndb_seq_num 
_pdbx_nonpoly_scheme.pdb_seq_num 
_pdbx_nonpoly_scheme.auth_seq_num 
_pdbx_nonpoly_scheme.pdb_mon_id 
_pdbx_nonpoly_scheme.auth_mon_id 
_pdbx_nonpoly_scheme.pdb_strand_id 
_pdbx_nonpoly_scheme.pdb_ins_code 
B 2 GOL 1  500 500 GOL CRY A . 
C 3 HOH 1  1   1   HOH HOH A . 
C 3 HOH 2  2   2   HOH HOH A . 
C 3 HOH 3  3   3   HOH HOH A . 
C 3 HOH 4  4   4   HOH HOH A . 
C 3 HOH 5  5   5   HOH HOH A . 
C 3 HOH 6  6   6   HOH HOH A . 
C 3 HOH 7  7   7   HOH HOH A . 
C 3 HOH 8  8   8   HOH HOH A . 
C 3 HOH 9  9   9   HOH HOH A . 
C 3 HOH 10 10  10  HOH HOH A . 
C 3 HOH 11 11  11  HOH HOH A . 
C 3 HOH 12 12  12  HOH HOH A . 
C 3 HOH 13 13  13  HOH HOH A . 
C 3 HOH 14 14  14  HOH HOH A . 
C 3 HOH 15 15  15  HOH HOH A . 
C 3 HOH 16 16  16  HOH HOH A . 
C 3 HOH 17 17  17  HOH HOH A . 
C 3 HOH 18 18  18  HOH HOH A . 
C 3 HOH 19 19  19  HOH HOH A . 
C 3 HOH 20 20  20  HOH HOH A . 
C 3 HOH 21 21  21  HOH HOH A . 
C 3 HOH 22 22  22  HOH HOH A . 
C 3 HOH 23 23  23  HOH HOH A . 
C 3 HOH 24 24  24  HOH HOH A . 
C 3 HOH 25 25  25  HOH HOH A . 
C 3 HOH 26 26  26  HOH HOH A . 
C 3 HOH 27 27  27  HOH HOH A . 
C 3 HOH 28 28  28  HOH HOH A . 
C 3 HOH 29 29  29  HOH HOH A . 
C 3 HOH 30 30  30  HOH HOH A . 
C 3 HOH 31 31  31  HOH HOH A . 
C 3 HOH 32 32  32  HOH HOH A . 
C 3 HOH 33 33  33  HOH HOH A . 
C 3 HOH 34 34  34  HOH HOH A . 
C 3 HOH 35 35  35  HOH HOH A . 
C 3 HOH 36 36  36  HOH HOH A . 
# 
_pdbx_struct_assembly.id                   1 
_pdbx_struct_assembly.details              author_defined_assembly 
_pdbx_struct_assembly.method_details       ? 
_pdbx_struct_assembly.oligomeric_details   monomeric 
_pdbx_struct_assembly.oligomeric_count     1 
# 
_pdbx_struct_assembly_gen.assembly_id       1 
_pdbx_struct_assembly_gen.oper_expression   1 
_pdbx_struct_assembly_gen.asym_id_list      A,B,C 
# 
_pdbx_struct_oper_list.id                   1 
_pdbx_struct_oper_list.type                 'identity operation' 
_pdbx_struct_oper_list.name                 1_555 
_pdbx_struct_oper_list.symmetry_operation   x,y,z 
_pdbx_struct_oper_list.matrix[1][1]         1.0000000000 
_pdbx_struct_oper_list.matrix[1][2]         0.0000000000 
_pdbx_struct_oper_list.matrix[1][3]         0.0000000000 
_pdbx_struct_oper_list.vector[1]            0.0000000000 
_pdbx_struct_oper_list.matrix[2][1]         0.0000000000 
_pdbx_struct_oper_list.matrix[2][2]         1.0000000000 
_pdbx_struct_oper_list.matrix[2][3]         0.0000000000 
_pdbx_struct_oper_list.vector[2]            0.0000000000 
_pdbx_struct_oper_list.matrix[3][1]         0.0000000000 
_pdbx_struct_oper_list.matrix[3][2]         0.0000000000 
_pdbx_struct_oper_list.matrix[3][3]         1.0000000000 
_pdbx_struct_oper_list.vector[3]            0.0000000000 
# 
_pdbx_struct_special_symmetry.id              1 
_pdbx_struct_special_symmetry.PDB_model_num   1 
_pdbx_struct_special_symmetry.auth_asym_id    A 
_pdbx_struct_special_symmetry.auth_comp_id    HOH 
_pdbx_struct_special_symmetry.auth_seq_id     36 
_pdbx_struct_special_symmetry.PDB_ins_code    ? 
_pdbx_struct_special_symmetry.label_asym_id   C 
_pdbx_struct_special_symmetry.label_comp_id   HOH 
_pdbx_struct_special_symmetry.label_seq_id    . 
# 
loop_
_pdbx_audit_revision_history.ordinal 
_pdbx_audit_revision_history.data_content_type 
_pdbx_audit_revision_history.major_revision 
_pdbx_audit_revision_history.minor_revision 
_pdbx_audit_revision_history.revision_date 
1 'Structure model' 1 0 2009-09-15 
2 'Structure model' 1 1 2011-07-13 
3 'Structure model' 1 2 2021-10-20 
4 'Structure model' 1 3 2023-08-30 
# 
_pdbx_audit_revision_details.ordinal             1 
_pdbx_audit_revision_details.revision_ordinal    1 
_pdbx_audit_revision_details.data_content_type   'Structure model' 
_pdbx_audit_revision_details.provider            repository 
_pdbx_audit_revision_details.type                'Initial release' 
_pdbx_audit_revision_details.description         ? 
_pdbx_audit_revision_details.details             ? 
# 
loop_
_pdbx_audit_revision_group.ordinal 
_pdbx_audit_revision_group.revision_ordinal 
_pdbx_audit_revision_group.data_content_type 
_pdbx_audit_revision_group.group 
1 2 'Structure model' 'Non-polymer description'   
2 2 'Structure model' 'Version format compliance' 
3 3 'Structure model' 'Database references'       
4 3 'Structure model' 'Derived calculations'      
5 4 'Structure model' 'Data collection'           
6 4 'Structure model' 'Refinement description'    
# 
loop_
_pdbx_audit_revision_category.ordinal 
_pdbx_audit_revision_category.revision_ordinal 
_pdbx_audit_revision_category.data_content_type 
_pdbx_audit_revision_category.category 
1 3 'Structure model' database_2                    
2 3 'Structure model' struct_ref_seq_dif            
3 3 'Structure model' struct_site                   
4 4 'Structure model' chem_comp_atom                
5 4 'Structure model' chem_comp_bond                
6 4 'Structure model' pdbx_initial_refinement_model 
# 
loop_
_pdbx_audit_revision_item.ordinal 
_pdbx_audit_revision_item.revision_ordinal 
_pdbx_audit_revision_item.data_content_type 
_pdbx_audit_revision_item.item 
1 3 'Structure model' '_database_2.pdbx_DOI'                
2 3 'Structure model' '_database_2.pdbx_database_accession' 
3 3 'Structure model' '_struct_ref_seq_dif.details'         
4 3 'Structure model' '_struct_site.pdbx_auth_asym_id'      
5 3 'Structure model' '_struct_site.pdbx_auth_comp_id'      
6 3 'Structure model' '_struct_site.pdbx_auth_seq_id'       
# 
_phasing.method   MR 
# 
loop_
_software.name 
_software.version 
_software.date 
_software.type 
_software.contact_author 
_software.contact_author_email 
_software.classification 
_software.location 
_software.language 
_software.citation_id 
_software.pdbx_ordinal 
SAINT          .        ?               package ?                    ?                      'data scaling'    
http://www.bruker-axs.de/                    ?          ? 1 
SCALA          .        ?               other   'Phil R. Evans'      pre@mrc-lmb.cam.ac.uk  'data scaling'    
http://www.ccp4.ac.uk/dist/html/scala.html   Fortran_77 ? 2 
MOLREP         .        ?               program 'Alexei Vaguine'     alexei@ysbl.york.ac.uk phasing           
http://www.ccp4.ac.uk/dist/html/molrep.html  Fortran_77 ? 3 
REFMAC         5.2.0019 ?               program 'Garib N. Murshudov' garib@ysbl.york.ac.uk  refinement        
http://www.ccp4.ac.uk/dist/html/refmac5.html Fortran_77 ? 4 
PDB_EXTRACT    3.006    'June 11, 2008' package PDB                  help@deposit.rcsb.org  'data extraction' 
http://sw-tools.pdb.org/apps/PDB_EXTRACT/    C++        ? 5 
'PROTEUM PLUS' .        ?               ?       ?                    ?                      'data collection' ? ?          ? 6 
SAINT          .        ?               ?       ?                    ?                      'data reduction'  ? ?          ? 7 
# 
loop_
_pdbx_validate_rmsd_angle.id 
_pdbx_validate_rmsd_angle.PDB_model_num 
_pdbx_validate_rmsd_angle.auth_atom_id_1 
_pdbx_validate_rmsd_angle.auth_asym_id_1 
_pdbx_validate_rmsd_angle.auth_comp_id_1 
_pdbx_validate_rmsd_angle.auth_seq_id_1 
_pdbx_validate_rmsd_angle.PDB_ins_code_1 
_pdbx_validate_rmsd_angle.label_alt_id_1 
_pdbx_validate_rmsd_angle.auth_atom_id_2 
_pdbx_validate_rmsd_angle.auth_asym_id_2 
_pdbx_validate_rmsd_angle.auth_comp_id_2 
_pdbx_validate_rmsd_angle.auth_seq_id_2 
_pdbx_validate_rmsd_angle.PDB_ins_code_2 
_pdbx_validate_rmsd_angle.label_alt_id_2 
_pdbx_validate_rmsd_angle.auth_atom_id_3 
_pdbx_validate_rmsd_angle.auth_asym_id_3 
_pdbx_validate_rmsd_angle.auth_comp_id_3 
_pdbx_validate_rmsd_angle.auth_seq_id_3 
_pdbx_validate_rmsd_angle.PDB_ins_code_3 
_pdbx_validate_rmsd_angle.label_alt_id_3 
_pdbx_validate_rmsd_angle.angle_value 
_pdbx_validate_rmsd_angle.angle_target_value 
_pdbx_validate_rmsd_angle.angle_deviation 
_pdbx_validate_rmsd_angle.angle_standard_deviation 
_pdbx_validate_rmsd_angle.linker_flag 
1 1 CA A LEU 88 ? ? CB A LEU 88 ? ? CG  A LEU 88 ? ? 131.81 115.30 16.51  2.30 N 
2 1 CB A LEU 88 ? ? CG A LEU 88 ? ? CD1 A LEU 88 ? ? 100.17 111.00 -10.83 1.70 N 
# 
loop_
_chem_comp_atom.comp_id 
_chem_comp_atom.atom_id 
_chem_comp_atom.type_symbol 
_chem_comp_atom.pdbx_aromatic_flag 
_chem_comp_atom.pdbx_stereo_config 
_chem_comp_atom.pdbx_ordinal 
ALA N    N N N 1   
ALA CA   C N S 2   
ALA C    C N N 3   
ALA O    O N N 4   
ALA CB   C N N 5   
ALA OXT  O N N 6   
ALA H    H N N 7   
ALA H2   H N N 8   
ALA HA   H N N 9   
ALA HB1  H N N 10  
ALA HB2  H N N 11  
ALA HB3  H N N 12  
ALA HXT  H N N 13  
ARG N    N N N 14  
ARG CA   C N S 15  
ARG C    C N N 16  
ARG O    O N N 17  
ARG CB   C N N 18  
ARG CG   C N N 19  
ARG CD   C N N 20  
ARG NE   N N N 21  
ARG CZ   C N N 22  
ARG NH1  N N N 23  
ARG NH2  N N N 24  
ARG OXT  O N N 25  
ARG H    H N N 26  
ARG H2   H N N 27  
ARG HA   H N N 28  
ARG HB2  H N N 29  
ARG HB3  H N N 30  
ARG HG2  H N N 31  
ARG HG3  H N N 32  
ARG HD2  H N N 33  
ARG HD3  H N N 34  
ARG HE   H N N 35  
ARG HH11 H N N 36  
ARG HH12 H N N 37  
ARG HH21 H N N 38  
ARG HH22 H N N 39  
ARG HXT  H N N 40  
ASN N    N N N 41  
ASN CA   C N S 42  
ASN C    C N N 43  
ASN O    O N N 44  
ASN CB   C N N 45  
ASN CG   C N N 46  
ASN OD1  O N N 47  
ASN ND2  N N N 48  
ASN OXT  O N N 49  
ASN H    H N N 50  
ASN H2   H N N 51  
ASN HA   H N N 52  
ASN HB2  H N N 53  
ASN HB3  H N N 54  
ASN HD21 H N N 55  
ASN HD22 H N N 56  
ASN HXT  H N N 57  
ASP N    N N N 58  
ASP CA   C N S 59  
ASP C    C N N 60  
ASP O    O N N 61  
ASP CB   C N N 62  
ASP CG   C N N 63  
ASP OD1  O N N 64  
ASP OD2  O N N 65  
ASP OXT  O N N 66  
ASP H    H N N 67  
ASP H2   H N N 68  
ASP HA   H N N 69  
ASP HB2  H N N 70  
ASP HB3  H N N 71  
ASP HD2  H N N 72  
ASP HXT  H N N 73  
CYS N    N N N 74  
CYS CA   C N R 75  
CYS C    C N N 76  
CYS O    O N N 77  
CYS CB   C N N 78  
CYS SG   S N N 79  
CYS OXT  O N N 80  
CYS H    H N N 81  
CYS H2   H N N 82  
CYS HA   H N N 83  
CYS HB2  H N N 84  
CYS HB3  H N N 85  
CYS HG   H N N 86  
CYS HXT  H N N 87  
GLN N    N N N 88  
GLN CA   C N S 89  
GLN C    C N N 90  
GLN O    O N N 91  
GLN CB   C N N 92  
GLN CG   C N N 93  
GLN CD   C N N 94  
GLN OE1  O N N 95  
GLN NE2  N N N 96  
GLN OXT  O N N 97  
GLN H    H N N 98  
GLN H2   H N N 99  
GLN HA   H N N 100 
GLN HB2  H N N 101 
GLN HB3  H N N 102 
GLN HG2  H N N 103 
GLN HG3  H N N 104 
GLN HE21 H N N 105 
GLN HE22 H N N 106 
GLN HXT  H N N 107 
GLU N    N N N 108 
GLU CA   C N S 109 
GLU C    C N N 110 
GLU O    O N N 111 
GLU CB   C N N 112 
GLU CG   C N N 113 
GLU CD   C N N 114 
GLU OE1  O N N 115 
GLU OE2  O N N 116 
GLU OXT  O N N 117 
GLU H    H N N 118 
GLU H2   H N N 119 
GLU HA   H N N 120 
GLU HB2  H N N 121 
GLU HB3  H N N 122 
GLU HG2  H N N 123 
GLU HG3  H N N 124 
GLU HE2  H N N 125 
GLU HXT  H N N 126 
GLY N    N N N 127 
GLY CA   C N N 128 
GLY C    C N N 129 
GLY O    O N N 130 
GLY OXT  O N N 131 
GLY H    H N N 132 
GLY H2   H N N 133 
GLY HA2  H N N 134 
GLY HA3  H N N 135 
GLY HXT  H N N 136 
GOL C1   C N N 137 
GOL O1   O N N 138 
GOL C2   C N N 139 
GOL O2   O N N 140 
GOL C3   C N N 141 
GOL O3   O N N 142 
GOL H11  H N N 143 
GOL H12  H N N 144 
GOL HO1  H N N 145 
GOL H2   H N N 146 
GOL HO2  H N N 147 
GOL H31  H N N 148 
GOL H32  H N N 149 
GOL HO3  H N N 150 
HIS N    N N N 151 
HIS CA   C N S 152 
HIS C    C N N 153 
HIS O    O N N 154 
HIS CB   C N N 155 
HIS CG   C Y N 156 
HIS ND1  N Y N 157 
HIS CD2  C Y N 158 
HIS CE1  C Y N 159 
HIS NE2  N Y N 160 
HIS OXT  O N N 161 
HIS H    H N N 162 
HIS H2   H N N 163 
HIS HA   H N N 164 
HIS HB2  H N N 165 
HIS HB3  H N N 166 
HIS HD1  H N N 167 
HIS HD2  H N N 168 
HIS HE1  H N N 169 
HIS HE2  H N N 170 
HIS HXT  H N N 171 
HOH O    O N N 172 
HOH H1   H N N 173 
HOH H2   H N N 174 
ILE N    N N N 175 
ILE CA   C N S 176 
ILE C    C N N 177 
ILE O    O N N 178 
ILE CB   C N S 179 
ILE CG1  C N N 180 
ILE CG2  C N N 181 
ILE CD1  C N N 182 
ILE OXT  O N N 183 
ILE H    H N N 184 
ILE H2   H N N 185 
ILE HA   H N N 186 
ILE HB   H N N 187 
ILE HG12 H N N 188 
ILE HG13 H N N 189 
ILE HG21 H N N 190 
ILE HG22 H N N 191 
ILE HG23 H N N 192 
ILE HD11 H N N 193 
ILE HD12 H N N 194 
ILE HD13 H N N 195 
ILE HXT  H N N 196 
LEU N    N N N 197 
LEU CA   C N S 198 
LEU C    C N N 199 
LEU O    O N N 200 
LEU CB   C N N 201 
LEU CG   C N N 202 
LEU CD1  C N N 203 
LEU CD2  C N N 204 
LEU OXT  O N N 205 
LEU H    H N N 206 
LEU H2   H N N 207 
LEU HA   H N N 208 
LEU HB2  H N N 209 
LEU HB3  H N N 210 
LEU HG   H N N 211 
LEU HD11 H N N 212 
LEU HD12 H N N 213 
LEU HD13 H N N 214 
LEU HD21 H N N 215 
LEU HD22 H N N 216 
LEU HD23 H N N 217 
LEU HXT  H N N 218 
LYS N    N N N 219 
LYS CA   C N S 220 
LYS C    C N N 221 
LYS O    O N N 222 
LYS CB   C N N 223 
LYS CG   C N N 224 
LYS CD   C N N 225 
LYS CE   C N N 226 
LYS NZ   N N N 227 
LYS OXT  O N N 228 
LYS H    H N N 229 
LYS H2   H N N 230 
LYS HA   H N N 231 
LYS HB2  H N N 232 
LYS HB3  H N N 233 
LYS HG2  H N N 234 
LYS HG3  H N N 235 
LYS HD2  H N N 236 
LYS HD3  H N N 237 
LYS HE2  H N N 238 
LYS HE3  H N N 239 
LYS HZ1  H N N 240 
LYS HZ2  H N N 241 
LYS HZ3  H N N 242 
LYS HXT  H N N 243 
MET N    N N N 244 
MET CA   C N S 245 
MET C    C N N 246 
MET O    O N N 247 
MET CB   C N N 248 
MET CG   C N N 249 
MET SD   S N N 250 
MET CE   C N N 251 
MET OXT  O N N 252 
MET H    H N N 253 
MET H2   H N N 254 
MET HA   H N N 255 
MET HB2  H N N 256 
MET HB3  H N N 257 
MET HG2  H N N 258 
MET HG3  H N N 259 
MET HE1  H N N 260 
MET HE2  H N N 261 
MET HE3  H N N 262 
MET HXT  H N N 263 
PHE N    N N N 264 
PHE CA   C N S 265 
PHE C    C N N 266 
PHE O    O N N 267 
PHE CB   C N N 268 
PHE CG   C Y N 269 
PHE CD1  C Y N 270 
PHE CD2  C Y N 271 
PHE CE1  C Y N 272 
PHE CE2  C Y N 273 
PHE CZ   C Y N 274 
PHE OXT  O N N 275 
PHE H    H N N 276 
PHE H2   H N N 277 
PHE HA   H N N 278 
PHE HB2  H N N 279 
PHE HB3  H N N 280 
PHE HD1  H N N 281 
PHE HD2  H N N 282 
PHE HE1  H N N 283 
PHE HE2  H N N 284 
PHE HZ   H N N 285 
PHE HXT  H N N 286 
PRO N    N N N 287 
PRO CA   C N S 288 
PRO C    C N N 289 
PRO O    O N N 290 
PRO CB   C N N 291 
PRO CG   C N N 292 
PRO CD   C N N 293 
PRO OXT  O N N 294 
PRO H    H N N 295 
PRO HA   H N N 296 
PRO HB2  H N N 297 
PRO HB3  H N N 298 
PRO HG2  H N N 299 
PRO HG3  H N N 300 
PRO HD2  H N N 301 
PRO HD3  H N N 302 
PRO HXT  H N N 303 
SER N    N N N 304 
SER CA   C N S 305 
SER C    C N N 306 
SER O    O N N 307 
SER CB   C N N 308 
SER OG   O N N 309 
SER OXT  O N N 310 
SER H    H N N 311 
SER H2   H N N 312 
SER HA   H N N 313 
SER HB2  H N N 314 
SER HB3  H N N 315 
SER HG   H N N 316 
SER HXT  H N N 317 
THR N    N N N 318 
THR CA   C N S 319 
THR C    C N N 320 
THR O    O N N 321 
THR CB   C N R 322 
THR OG1  O N N 323 
THR CG2  C N N 324 
THR OXT  O N N 325 
THR H    H N N 326 
THR H2   H N N 327 
THR HA   H N N 328 
THR HB   H N N 329 
THR HG1  H N N 330 
THR HG21 H N N 331 
THR HG22 H N N 332 
THR HG23 H N N 333 
THR HXT  H N N 334 
TRP N    N N N 335 
TRP CA   C N S 336 
TRP C    C N N 337 
TRP O    O N N 338 
TRP CB   C N N 339 
TRP CG   C Y N 340 
TRP CD1  C Y N 341 
TRP CD2  C Y N 342 
TRP NE1  N Y N 343 
TRP CE2  C Y N 344 
TRP CE3  C Y N 345 
TRP CZ2  C Y N 346 
TRP CZ3  C Y N 347 
TRP CH2  C Y N 348 
TRP OXT  O N N 349 
TRP H    H N N 350 
TRP H2   H N N 351 
TRP HA   H N N 352 
TRP HB2  H N N 353 
TRP HB3  H N N 354 
TRP HD1  H N N 355 
TRP HE1  H N N 356 
TRP HE3  H N N 357 
TRP HZ2  H N N 358 
TRP HZ3  H N N 359 
TRP HH2  H N N 360 
TRP HXT  H N N 361 
TYR N    N N N 362 
TYR CA   C N S 363 
TYR C    C N N 364 
TYR O    O N N 365 
TYR CB   C N N 366 
TYR CG   C Y N 367 
TYR CD1  C Y N 368 
TYR CD2  C Y N 369 
TYR CE1  C Y N 370 
TYR CE2  C Y N 371 
TYR CZ   C Y N 372 
TYR OH   O N N 373 
TYR OXT  O N N 374 
TYR H    H N N 375 
TYR H2   H N N 376 
TYR HA   H N N 377 
TYR HB2  H N N 378 
TYR HB3  H N N 379 
TYR HD1  H N N 380 
TYR HD2  H N N 381 
TYR HE1  H N N 382 
TYR HE2  H N N 383 
TYR HH   H N N 384 
TYR HXT  H N N 385 
VAL N    N N N 386 
VAL CA   C N S 387 
VAL C    C N N 388 
VAL O    O N N 389 
VAL CB   C N N 390 
VAL CG1  C N N 391 
VAL CG2  C N N 392 
VAL OXT  O N N 393 
VAL H    H N N 394 
VAL H2   H N N 395 
VAL HA   H N N 396 
VAL HB   H N N 397 
VAL HG11 H N N 398 
VAL HG12 H N N 399 
VAL HG13 H N N 400 
VAL HG21 H N N 401 
VAL HG22 H N N 402 
VAL HG23 H N N 403 
VAL HXT  H N N 404 
# 
loop_
_chem_comp_bond.comp_id 
_chem_comp_bond.atom_id_1 
_chem_comp_bond.atom_id_2 
_chem_comp_bond.value_order 
_chem_comp_bond.pdbx_aromatic_flag 
_chem_comp_bond.pdbx_stereo_config 
_chem_comp_bond.pdbx_ordinal 
ALA N   CA   sing N N 1   
ALA N   H    sing N N 2   
ALA N   H2   sing N N 3   
ALA CA  C    sing N N 4   
ALA CA  CB   sing N N 5   
ALA CA  HA   sing N N 6   
ALA C   O    doub N N 7   
ALA C   OXT  sing N N 8   
ALA CB  HB1  sing N N 9   
ALA CB  HB2  sing N N 10  
ALA CB  HB3  sing N N 11  
ALA OXT HXT  sing N N 12  
ARG N   CA   sing N N 13  
ARG N   H    sing N N 14  
ARG N   H2   sing N N 15  
ARG CA  C    sing N N 16  
ARG CA  CB   sing N N 17  
ARG CA  HA   sing N N 18  
ARG C   O    doub N N 19  
ARG C   OXT  sing N N 20  
ARG CB  CG   sing N N 21  
ARG CB  HB2  sing N N 22  
ARG CB  HB3  sing N N 23  
ARG CG  CD   sing N N 24  
ARG CG  HG2  sing N N 25  
ARG CG  HG3  sing N N 26  
ARG CD  NE   sing N N 27  
ARG CD  HD2  sing N N 28  
ARG CD  HD3  sing N N 29  
ARG NE  CZ   sing N N 30  
ARG NE  HE   sing N N 31  
ARG CZ  NH1  sing N N 32  
ARG CZ  NH2  doub N N 33  
ARG NH1 HH11 sing N N 34  
ARG NH1 HH12 sing N N 35  
ARG NH2 HH21 sing N N 36  
ARG NH2 HH22 sing N N 37  
ARG OXT HXT  sing N N 38  
ASN N   CA   sing N N 39  
ASN N   H    sing N N 40  
ASN N   H2   sing N N 41  
ASN CA  C    sing N N 42  
ASN CA  CB   sing N N 43  
ASN CA  HA   sing N N 44  
ASN C   O    doub N N 45  
ASN C   OXT  sing N N 46  
ASN CB  CG   sing N N 47  
ASN CB  HB2  sing N N 48  
ASN CB  HB3  sing N N 49  
ASN CG  OD1  doub N N 50  
ASN CG  ND2  sing N N 51  
ASN ND2 HD21 sing N N 52  
ASN ND2 HD22 sing N N 53  
ASN OXT HXT  sing N N 54  
ASP N   CA   sing N N 55  
ASP N   H    sing N N 56  
ASP N   H2   sing N N 57  
ASP CA  C    sing N N 58  
ASP CA  CB   sing N N 59  
ASP CA  HA   sing N N 60  
ASP C   O    doub N N 61  
ASP C   OXT  sing N N 62  
ASP CB  CG   sing N N 63  
ASP CB  HB2  sing N N 64  
ASP CB  HB3  sing N N 65  
ASP CG  OD1  doub N N 66  
ASP CG  OD2  sing N N 67  
ASP OD2 HD2  sing N N 68  
ASP OXT HXT  sing N N 69  
CYS N   CA   sing N N 70  
CYS N   H    sing N N 71  
CYS N   H2   sing N N 72  
CYS CA  C    sing N N 73  
CYS CA  CB   sing N N 74  
CYS CA  HA   sing N N 75  
CYS C   O    doub N N 76  
CYS C   OXT  sing N N 77  
CYS CB  SG   sing N N 78  
CYS CB  HB2  sing N N 79  
CYS CB  HB3  sing N N 80  
CYS SG  HG   sing N N 81  
CYS OXT HXT  sing N N 82  
GLN N   CA   sing N N 83  
GLN N   H    sing N N 84  
GLN N   H2   sing N N 85  
GLN CA  C    sing N N 86  
GLN CA  CB   sing N N 87  
GLN CA  HA   sing N N 88  
GLN C   O    doub N N 89  
GLN C   OXT  sing N N 90  
GLN CB  CG   sing N N 91  
GLN CB  HB2  sing N N 92  
GLN CB  HB3  sing N N 93  
GLN CG  CD   sing N N 94  
GLN CG  HG2  sing N N 95  
GLN CG  HG3  sing N N 96  
GLN CD  OE1  doub N N 97  
GLN CD  NE2  sing N N 98  
GLN NE2 HE21 sing N N 99  
GLN NE2 HE22 sing N N 100 
GLN OXT HXT  sing N N 101 
GLU N   CA   sing N N 102 
GLU N   H    sing N N 103 
GLU N   H2   sing N N 104 
GLU CA  C    sing N N 105 
GLU CA  CB   sing N N 106 
GLU CA  HA   sing N N 107 
GLU C   O    doub N N 108 
GLU C   OXT  sing N N 109 
GLU CB  CG   sing N N 110 
GLU CB  HB2  sing N N 111 
GLU CB  HB3  sing N N 112 
GLU CG  CD   sing N N 113 
GLU CG  HG2  sing N N 114 
GLU CG  HG3  sing N N 115 
GLU CD  OE1  doub N N 116 
GLU CD  OE2  sing N N 117 
GLU OE2 HE2  sing N N 118 
GLU OXT HXT  sing N N 119 
GLY N   CA   sing N N 120 
GLY N   H    sing N N 121 
GLY N   H2   sing N N 122 
GLY CA  C    sing N N 123 
GLY CA  HA2  sing N N 124 
GLY CA  HA3  sing N N 125 
GLY C   O    doub N N 126 
GLY C   OXT  sing N N 127 
GLY OXT HXT  sing N N 128 
GOL C1  O1   sing N N 129 
GOL C1  C2   sing N N 130 
GOL C1  H11  sing N N 131 
GOL C1  H12  sing N N 132 
GOL O1  HO1  sing N N 133 
GOL C2  O2   sing N N 134 
GOL C2  C3   sing N N 135 
GOL C2  H2   sing N N 136 
GOL O2  HO2  sing N N 137 
GOL C3  O3   sing N N 138 
GOL C3  H31  sing N N 139 
GOL C3  H32  sing N N 140 
GOL O3  HO3  sing N N 141 
HIS N   CA   sing N N 142 
HIS N   H    sing N N 143 
HIS N   H2   sing N N 144 
HIS CA  C    sing N N 145 
HIS CA  CB   sing N N 146 
HIS CA  HA   sing N N 147 
HIS C   O    doub N N 148 
HIS C   OXT  sing N N 149 
HIS CB  CG   sing N N 150 
HIS CB  HB2  sing N N 151 
HIS CB  HB3  sing N N 152 
HIS CG  ND1  sing Y N 153 
HIS CG  CD2  doub Y N 154 
HIS ND1 CE1  doub Y N 155 
HIS ND1 HD1  sing N N 156 
HIS CD2 NE2  sing Y N 157 
HIS CD2 HD2  sing N N 158 
HIS CE1 NE2  sing Y N 159 
HIS CE1 HE1  sing N N 160 
HIS NE2 HE2  sing N N 161 
HIS OXT HXT  sing N N 162 
HOH O   H1   sing N N 163 
HOH O   H2   sing N N 164 
ILE N   CA   sing N N 165 
ILE N   H    sing N N 166 
ILE N   H2   sing N N 167 
ILE CA  C    sing N N 168 
ILE CA  CB   sing N N 169 
ILE CA  HA   sing N N 170 
ILE C   O    doub N N 171 
ILE C   OXT  sing N N 172 
ILE CB  CG1  sing N N 173 
ILE CB  CG2  sing N N 174 
ILE CB  HB   sing N N 175 
ILE CG1 CD1  sing N N 176 
ILE CG1 HG12 sing N N 177 
ILE CG1 HG13 sing N N 178 
ILE CG2 HG21 sing N N 179 
ILE CG2 HG22 sing N N 180 
ILE CG2 HG23 sing N N 181 
ILE CD1 HD11 sing N N 182 
ILE CD1 HD12 sing N N 183 
ILE CD1 HD13 sing N N 184 
ILE OXT HXT  sing N N 185 
LEU N   CA   sing N N 186 
LEU N   H    sing N N 187 
LEU N   H2   sing N N 188 
LEU CA  C    sing N N 189 
LEU CA  CB   sing N N 190 
LEU CA  HA   sing N N 191 
LEU C   O    doub N N 192 
LEU C   OXT  sing N N 193 
LEU CB  CG   sing N N 194 
LEU CB  HB2  sing N N 195 
LEU CB  HB3  sing N N 196 
LEU CG  CD1  sing N N 197 
LEU CG  CD2  sing N N 198 
LEU CG  HG   sing N N 199 
LEU CD1 HD11 sing N N 200 
LEU CD1 HD12 sing N N 201 
LEU CD1 HD13 sing N N 202 
LEU CD2 HD21 sing N N 203 
LEU CD2 HD22 sing N N 204 
LEU CD2 HD23 sing N N 205 
LEU OXT HXT  sing N N 206 
LYS N   CA   sing N N 207 
LYS N   H    sing N N 208 
LYS N   H2   sing N N 209 
LYS CA  C    sing N N 210 
LYS CA  CB   sing N N 211 
LYS CA  HA   sing N N 212 
LYS C   O    doub N N 213 
LYS C   OXT  sing N N 214 
LYS CB  CG   sing N N 215 
LYS CB  HB2  sing N N 216 
LYS CB  HB3  sing N N 217 
LYS CG  CD   sing N N 218 
LYS CG  HG2  sing N N 219 
LYS CG  HG3  sing N N 220 
LYS CD  CE   sing N N 221 
LYS CD  HD2  sing N N 222 
LYS CD  HD3  sing N N 223 
LYS CE  NZ   sing N N 224 
LYS CE  HE2  sing N N 225 
LYS CE  HE3  sing N N 226 
LYS NZ  HZ1  sing N N 227 
LYS NZ  HZ2  sing N N 228 
LYS NZ  HZ3  sing N N 229 
LYS OXT HXT  sing N N 230 
MET N   CA   sing N N 231 
MET N   H    sing N N 232 
MET N   H2   sing N N 233 
MET CA  C    sing N N 234 
MET CA  CB   sing N N 235 
MET CA  HA   sing N N 236 
MET C   O    doub N N 237 
MET C   OXT  sing N N 238 
MET CB  CG   sing N N 239 
MET CB  HB2  sing N N 240 
MET CB  HB3  sing N N 241 
MET CG  SD   sing N N 242 
MET CG  HG2  sing N N 243 
MET CG  HG3  sing N N 244 
MET SD  CE   sing N N 245 
MET CE  HE1  sing N N 246 
MET CE  HE2  sing N N 247 
MET CE  HE3  sing N N 248 
MET OXT HXT  sing N N 249 
PHE N   CA   sing N N 250 
PHE N   H    sing N N 251 
PHE N   H2   sing N N 252 
PHE CA  C    sing N N 253 
PHE CA  CB   sing N N 254 
PHE CA  HA   sing N N 255 
PHE C   O    doub N N 256 
PHE C   OXT  sing N N 257 
PHE CB  CG   sing N N 258 
PHE CB  HB2  sing N N 259 
PHE CB  HB3  sing N N 260 
PHE CG  CD1  doub Y N 261 
PHE CG  CD2  sing Y N 262 
PHE CD1 CE1  sing Y N 263 
PHE CD1 HD1  sing N N 264 
PHE CD2 CE2  doub Y N 265 
PHE CD2 HD2  sing N N 266 
PHE CE1 CZ   doub Y N 267 
PHE CE1 HE1  sing N N 268 
PHE CE2 CZ   sing Y N 269 
PHE CE2 HE2  sing N N 270 
PHE CZ  HZ   sing N N 271 
PHE OXT HXT  sing N N 272 
PRO N   CA   sing N N 273 
PRO N   CD   sing N N 274 
PRO N   H    sing N N 275 
PRO CA  C    sing N N 276 
PRO CA  CB   sing N N 277 
PRO CA  HA   sing N N 278 
PRO C   O    doub N N 279 
PRO C   OXT  sing N N 280 
PRO CB  CG   sing N N 281 
PRO CB  HB2  sing N N 282 
PRO CB  HB3  sing N N 283 
PRO CG  CD   sing N N 284 
PRO CG  HG2  sing N N 285 
PRO CG  HG3  sing N N 286 
PRO CD  HD2  sing N N 287 
PRO CD  HD3  sing N N 288 
PRO OXT HXT  sing N N 289 
SER N   CA   sing N N 290 
SER N   H    sing N N 291 
SER N   H2   sing N N 292 
SER CA  C    sing N N 293 
SER CA  CB   sing N N 294 
SER CA  HA   sing N N 295 
SER C   O    doub N N 296 
SER C   OXT  sing N N 297 
SER CB  OG   sing N N 298 
SER CB  HB2  sing N N 299 
SER CB  HB3  sing N N 300 
SER OG  HG   sing N N 301 
SER OXT HXT  sing N N 302 
THR N   CA   sing N N 303 
THR N   H    sing N N 304 
THR N   H2   sing N N 305 
THR CA  C    sing N N 306 
THR CA  CB   sing N N 307 
THR CA  HA   sing N N 308 
THR C   O    doub N N 309 
THR C   OXT  sing N N 310 
THR CB  OG1  sing N N 311 
THR CB  CG2  sing N N 312 
THR CB  HB   sing N N 313 
THR OG1 HG1  sing N N 314 
THR CG2 HG21 sing N N 315 
THR CG2 HG22 sing N N 316 
THR CG2 HG23 sing N N 317 
THR OXT HXT  sing N N 318 
TRP N   CA   sing N N 319 
TRP N   H    sing N N 320 
TRP N   H2   sing N N 321 
TRP CA  C    sing N N 322 
TRP CA  CB   sing N N 323 
TRP CA  HA   sing N N 324 
TRP C   O    doub N N 325 
TRP C   OXT  sing N N 326 
TRP CB  CG   sing N N 327 
TRP CB  HB2  sing N N 328 
TRP CB  HB3  sing N N 329 
TRP CG  CD1  doub Y N 330 
TRP CG  CD2  sing Y N 331 
TRP CD1 NE1  sing Y N 332 
TRP CD1 HD1  sing N N 333 
TRP CD2 CE2  doub Y N 334 
TRP CD2 CE3  sing Y N 335 
TRP NE1 CE2  sing Y N 336 
TRP NE1 HE1  sing N N 337 
TRP CE2 CZ2  sing Y N 338 
TRP CE3 CZ3  doub Y N 339 
TRP CE3 HE3  sing N N 340 
TRP CZ2 CH2  doub Y N 341 
TRP CZ2 HZ2  sing N N 342 
TRP CZ3 CH2  sing Y N 343 
TRP CZ3 HZ3  sing N N 344 
TRP CH2 HH2  sing N N 345 
TRP OXT HXT  sing N N 346 
TYR N   CA   sing N N 347 
TYR N   H    sing N N 348 
TYR N   H2   sing N N 349 
TYR CA  C    sing N N 350 
TYR CA  CB   sing N N 351 
TYR CA  HA   sing N N 352 
TYR C   O    doub N N 353 
TYR C   OXT  sing N N 354 
TYR CB  CG   sing N N 355 
TYR CB  HB2  sing N N 356 
TYR CB  HB3  sing N N 357 
TYR CG  CD1  doub Y N 358 
TYR CG  CD2  sing Y N 359 
TYR CD1 CE1  sing Y N 360 
TYR CD1 HD1  sing N N 361 
TYR CD2 CE2  doub Y N 362 
TYR CD2 HD2  sing N N 363 
TYR CE1 CZ   doub Y N 364 
TYR CE1 HE1  sing N N 365 
TYR CE2 CZ   sing Y N 366 
TYR CE2 HE2  sing N N 367 
TYR CZ  OH   sing N N 368 
TYR OH  HH   sing N N 369 
TYR OXT HXT  sing N N 370 
VAL N   CA   sing N N 371 
VAL N   H    sing N N 372 
VAL N   H2   sing N N 373 
VAL CA  C    sing N N 374 
VAL CA  CB   sing N N 375 
VAL CA  HA   sing N N 376 
VAL C   O    doub N N 377 
VAL C   OXT  sing N N 378 
VAL CB  CG1  sing N N 379 
VAL CB  CG2  sing N N 380 
VAL CB  HB   sing N N 381 
VAL CG1 HG11 sing N N 382 
VAL CG1 HG12 sing N N 383 
VAL CG1 HG13 sing N N 384 
VAL CG2 HG21 sing N N 385 
VAL CG2 HG22 sing N N 386 
VAL CG2 HG23 sing N N 387 
VAL OXT HXT  sing N N 388 
# 
loop_
_pdbx_entity_nonpoly.entity_id 
_pdbx_entity_nonpoly.name 
_pdbx_entity_nonpoly.comp_id 
2 GLYCEROL GOL 
3 water    HOH 
# 
_pdbx_initial_refinement_model.id               1 
_pdbx_initial_refinement_model.entity_id_list   ? 
_pdbx_initial_refinement_model.type             'experimental model' 
_pdbx_initial_refinement_model.source_name      PDB 
_pdbx_initial_refinement_model.accession_code   1ABQ 
_pdbx_initial_refinement_model.details          'PDB entry 1ABQ' 
# 
